data_1M8X
#
_entry.id   1M8X
#
_cell.length_a   262.730
_cell.length_b   37.730
_cell.length_c   82.520
_cell.angle_alpha   90.00
_cell.angle_beta   102.95
_cell.angle_gamma   90.00
#
_symmetry.space_group_name_H-M   'C 1 2 1'
#
loop_
_entity.id
_entity.type
_entity.pdbx_description
1 polymer "5'-R(P*UP*UP*GP*UP*AP*UP*AP*U)-3'"
2 polymer "5'-R(P*UP*GP*UP*AP*UP*AP*U)-3'"
3 polymer 'Pumilio 1'
4 water water
#
loop_
_entity_poly.entity_id
_entity_poly.type
_entity_poly.pdbx_seq_one_letter_code
_entity_poly.pdbx_strand_id
1 'polyribonucleotide' UUGUAUAU C
2 'polyribonucleotide' UGUAUAU D
3 'polypeptide(L)'
;GRSRLLEDFRNNRYPNLQLREIAGHIMEFSQDQHGSRFIQLKLERATPAERQLVFNEILQAAYQLMVDVFGNYVIQKFFE
FGSLEQKLALAERIRGHVLSLALQMYGCRVIQKALEFIPSDQQNEMVRELDGHVLKCVKDQNGNHVVQKCIECVQPQSLQ
FIIDAFKGQVFALSTHPYGCRVIQRILEHCLPDQTLPILEELHQHTEQLVQDQYGNYVIQHVLEHGRPEDKSKIVAEIRG
NVLVLSQHKFASNVVEKCVTHASRTERAVLIDEVCTMNDGPHSALYTMMKDQYANYVVQKMIDVAEPGQRKIVMHKIRPH
IATLRKYTYGKHILAKLEKYYMKNGVDLG
;
A,B
#
loop_
_chem_comp.id
_chem_comp.type
_chem_comp.name
_chem_comp.formula
A RNA linking ADENOSINE-5'-MONOPHOSPHATE 'C10 H14 N5 O7 P'
G RNA linking GUANOSINE-5'-MONOPHOSPHATE 'C10 H14 N5 O8 P'
U RNA linking URIDINE-5'-MONOPHOSPHATE 'C9 H13 N2 O9 P'
#
# COMPACT_ATOMS: atom_id res chain seq x y z
N GLY C 1 -16.90 -7.97 -0.55
CA GLY C 1 -16.13 -7.83 0.73
C GLY C 1 -17.00 -7.96 1.97
N ARG C 2 -18.17 -7.34 1.94
CA ARG C 2 -19.11 -7.37 3.05
C ARG C 2 -20.04 -8.57 2.91
N SER C 3 -20.70 -8.93 4.00
CA SER C 3 -21.64 -10.06 3.98
C SER C 3 -23.05 -9.53 3.81
N ARG C 4 -23.99 -10.42 3.53
CA ARG C 4 -25.38 -10.03 3.37
C ARG C 4 -25.80 -9.23 4.60
N LEU C 5 -25.64 -9.85 5.77
CA LEU C 5 -26.01 -9.20 7.03
C LEU C 5 -25.40 -7.81 7.18
N LEU C 6 -24.07 -7.71 7.17
CA LEU C 6 -23.45 -6.38 7.31
C LEU C 6 -23.98 -5.46 6.22
N GLU C 7 -24.07 -5.98 5.00
CA GLU C 7 -24.57 -5.23 3.85
C GLU C 7 -25.94 -4.60 4.17
N ASP C 8 -26.89 -5.44 4.58
CA ASP C 8 -28.23 -4.98 4.92
C ASP C 8 -28.20 -4.02 6.11
N PHE C 9 -27.22 -4.19 7.00
CA PHE C 9 -27.11 -3.30 8.16
C PHE C 9 -26.68 -1.89 7.77
N ARG C 10 -25.77 -1.81 6.82
CA ARG C 10 -25.31 -0.51 6.35
C ARG C 10 -26.50 0.15 5.66
N ASN C 11 -27.23 -0.64 4.88
CA ASN C 11 -28.41 -0.18 4.16
C ASN C 11 -29.58 0.17 5.10
N ASN C 12 -29.29 0.34 6.39
CA ASN C 12 -30.32 0.68 7.37
C ASN C 12 -31.57 -0.19 7.25
N ARG C 13 -31.40 -1.49 7.41
CA ARG C 13 -32.51 -2.43 7.30
C ARG C 13 -32.85 -3.00 8.68
N TYR C 14 -31.86 -3.03 9.57
CA TYR C 14 -32.05 -3.55 10.92
C TYR C 14 -31.90 -2.44 11.96
N PRO C 15 -32.91 -1.58 12.08
CA PRO C 15 -32.86 -0.48 13.06
C PRO C 15 -32.94 -0.98 14.50
N ASN C 16 -33.34 -2.23 14.67
CA ASN C 16 -33.48 -2.81 15.99
C ASN C 16 -32.55 -4.01 16.16
N LEU C 17 -31.49 -4.04 15.37
CA LEU C 17 -30.52 -5.13 15.42
C LEU C 17 -29.92 -5.20 16.82
N GLN C 18 -29.81 -6.41 17.35
CA GLN C 18 -29.23 -6.62 18.67
C GLN C 18 -27.92 -7.39 18.55
N LEU C 19 -27.19 -7.50 19.66
CA LEU C 19 -25.91 -8.20 19.67
C LEU C 19 -26.01 -9.66 19.26
N ARG C 20 -26.83 -10.43 19.97
CA ARG C 20 -26.97 -11.84 19.66
C ARG C 20 -27.25 -12.06 18.19
N GLU C 21 -27.91 -11.09 17.54
CA GLU C 21 -28.23 -11.22 16.13
C GLU C 21 -27.04 -11.12 15.17
N ILE C 22 -25.87 -10.66 15.64
CA ILE C 22 -24.75 -10.63 14.73
C ILE C 22 -23.69 -11.66 15.06
N ALA C 23 -24.10 -12.68 15.79
CA ALA C 23 -23.20 -13.78 16.15
C ALA C 23 -22.65 -14.34 14.85
N GLY C 24 -21.35 -14.55 14.80
CA GLY C 24 -20.72 -15.09 13.61
C GLY C 24 -20.24 -13.99 12.68
N HIS C 25 -20.57 -12.76 13.04
CA HIS C 25 -20.20 -11.59 12.24
C HIS C 25 -19.50 -10.52 13.10
N ILE C 26 -19.04 -10.89 14.28
CA ILE C 26 -18.40 -9.89 15.15
C ILE C 26 -17.17 -9.24 14.52
N MET C 27 -16.23 -10.05 14.06
CA MET C 27 -15.01 -9.51 13.45
C MET C 27 -15.31 -8.59 12.26
N GLU C 28 -16.26 -8.98 11.42
CA GLU C 28 -16.63 -8.18 10.25
C GLU C 28 -17.23 -6.83 10.66
N PHE C 29 -18.12 -6.87 11.64
CA PHE C 29 -18.76 -5.67 12.16
C PHE C 29 -17.73 -4.79 12.87
N SER C 30 -16.82 -5.43 13.60
CA SER C 30 -15.79 -4.69 14.33
C SER C 30 -14.87 -3.89 13.42
N GLN C 31 -14.60 -4.40 12.22
CA GLN C 31 -13.72 -3.71 11.29
C GLN C 31 -14.51 -2.83 10.32
N ASP C 32 -15.72 -2.45 10.73
CA ASP C 32 -16.61 -1.63 9.89
C ASP C 32 -17.02 -0.38 10.65
N GLN C 33 -16.80 0.78 10.05
CA GLN C 33 -17.13 2.04 10.70
C GLN C 33 -18.46 1.96 11.44
N HIS C 34 -19.48 1.50 10.73
CA HIS C 34 -20.82 1.39 11.31
C HIS C 34 -20.94 0.18 12.24
N GLY C 35 -20.30 -0.92 11.84
CA GLY C 35 -20.34 -2.11 12.67
C GLY C 35 -19.75 -1.83 14.04
N SER C 36 -18.53 -1.31 14.04
CA SER C 36 -17.82 -0.97 15.26
C SER C 36 -18.68 -0.06 16.12
N ARG C 37 -19.15 1.03 15.52
CA ARG C 37 -20.02 1.97 16.24
C ARG C 37 -21.13 1.18 16.91
N PHE C 38 -21.79 0.33 16.14
CA PHE C 38 -22.88 -0.50 16.66
C PHE C 38 -22.44 -1.27 17.89
N ILE C 39 -21.39 -2.08 17.74
CA ILE C 39 -20.88 -2.88 18.84
C ILE C 39 -20.49 -2.04 20.05
N GLN C 40 -19.74 -0.96 19.80
CA GLN C 40 -19.29 -0.07 20.87
C GLN C 40 -20.40 0.36 21.82
N LEU C 41 -21.52 0.81 21.27
CA LEU C 41 -22.64 1.27 22.09
C LEU C 41 -23.60 0.17 22.52
N LYS C 42 -23.06 -1.00 22.79
CA LYS C 42 -23.86 -2.13 23.25
C LYS C 42 -23.13 -2.82 24.37
N LEU C 43 -21.80 -2.94 24.23
CA LEU C 43 -20.98 -3.58 25.24
C LEU C 43 -21.07 -2.93 26.61
N GLU C 44 -21.21 -1.60 26.61
CA GLU C 44 -21.28 -0.86 27.86
C GLU C 44 -22.52 -1.26 28.66
N ARG C 45 -23.66 -1.32 27.99
CA ARG C 45 -24.90 -1.68 28.68
C ARG C 45 -25.34 -3.13 28.47
N ALA C 46 -24.67 -3.84 27.56
CA ALA C 46 -25.01 -5.24 27.30
C ALA C 46 -24.80 -6.09 28.54
N THR C 47 -25.31 -7.32 28.51
CA THR C 47 -25.16 -8.24 29.62
C THR C 47 -23.86 -9.02 29.52
N PRO C 48 -23.38 -9.58 30.65
CA PRO C 48 -22.14 -10.37 30.65
C PRO C 48 -22.17 -11.46 29.60
N ALA C 49 -23.35 -12.02 29.35
CA ALA C 49 -23.50 -13.08 28.37
C ALA C 49 -23.29 -12.52 26.98
N GLU C 50 -23.93 -11.38 26.70
CA GLU C 50 -23.80 -10.75 25.40
C GLU C 50 -22.35 -10.37 25.14
N ARG C 51 -21.67 -9.93 26.19
CA ARG C 51 -20.29 -9.52 26.08
C ARG C 51 -19.35 -10.68 25.84
N GLN C 52 -19.65 -11.83 26.43
CA GLN C 52 -18.83 -13.03 26.27
C GLN C 52 -19.00 -13.54 24.85
N LEU C 53 -20.23 -13.44 24.35
CA LEU C 53 -20.53 -13.88 23.00
C LEU C 53 -19.69 -13.05 22.03
N VAL C 54 -19.56 -11.76 22.34
CA VAL C 54 -18.79 -10.88 21.50
C VAL C 54 -17.31 -11.21 21.70
N PHE C 55 -16.91 -11.43 22.96
CA PHE C 55 -15.53 -11.72 23.24
C PHE C 55 -14.99 -12.95 22.49
N ASN C 56 -15.76 -14.04 22.48
CA ASN C 56 -15.38 -15.30 21.83
C ASN C 56 -14.93 -15.14 20.39
N GLU C 57 -15.54 -14.23 19.67
CA GLU C 57 -15.18 -14.05 18.26
C GLU C 57 -14.07 -13.06 17.98
N ILE C 58 -13.63 -12.32 18.99
CA ILE C 58 -12.57 -11.32 18.79
C ILE C 58 -11.25 -11.64 19.48
N LEU C 59 -11.25 -12.63 20.36
CA LEU C 59 -10.05 -13.00 21.08
C LEU C 59 -8.91 -13.43 20.16
N GLN C 60 -9.15 -14.44 19.34
CA GLN C 60 -8.10 -14.95 18.47
C GLN C 60 -7.50 -13.86 17.59
N ALA C 61 -8.36 -13.14 16.88
CA ALA C 61 -7.91 -12.07 16.00
C ALA C 61 -7.82 -10.70 16.69
N ALA C 62 -7.63 -10.69 18.00
CA ALA C 62 -7.57 -9.42 18.73
C ALA C 62 -6.52 -8.42 18.23
N TYR C 63 -5.31 -8.88 17.92
CA TYR C 63 -4.28 -7.96 17.44
C TYR C 63 -4.77 -7.23 16.19
N GLN C 64 -5.33 -8.02 15.28
CA GLN C 64 -5.87 -7.52 14.02
C GLN C 64 -6.85 -6.36 14.26
N LEU C 65 -7.64 -6.45 15.32
CA LEU C 65 -8.59 -5.40 15.65
C LEU C 65 -7.91 -4.23 16.37
N MET C 66 -6.85 -4.51 17.11
CA MET C 66 -6.13 -3.49 17.85
C MET C 66 -5.48 -2.48 16.91
N VAL C 67 -4.98 -2.97 15.78
CA VAL C 67 -4.34 -2.10 14.81
C VAL C 67 -5.30 -1.80 13.66
N ASP C 68 -6.59 -1.75 13.95
CA ASP C 68 -7.59 -1.48 12.93
C ASP C 68 -8.24 -0.12 13.19
N VAL C 69 -8.33 0.69 12.15
CA VAL C 69 -8.90 2.01 12.29
C VAL C 69 -10.23 2.05 13.05
N PHE C 70 -11.04 1.00 12.94
CA PHE C 70 -12.31 1.00 13.66
C PHE C 70 -12.38 -0.06 14.77
N GLY C 71 -11.60 -1.13 14.59
CA GLY C 71 -11.58 -2.20 15.57
C GLY C 71 -10.96 -1.87 16.91
N ASN C 72 -9.96 -0.99 16.93
CA ASN C 72 -9.29 -0.64 18.18
C ASN C 72 -10.28 -0.18 19.24
N TYR C 73 -11.39 0.42 18.81
CA TYR C 73 -12.38 0.91 19.78
C TYR C 73 -13.09 -0.24 20.51
N VAL C 74 -13.38 -1.35 19.83
CA VAL C 74 -14.06 -2.47 20.48
C VAL C 74 -13.15 -3.07 21.55
N ILE C 75 -11.90 -3.31 21.20
CA ILE C 75 -10.96 -3.87 22.16
C ILE C 75 -10.86 -2.95 23.36
N GLN C 76 -10.86 -1.64 23.13
CA GLN C 76 -10.78 -0.69 24.23
C GLN C 76 -11.94 -0.84 25.19
N LYS C 77 -13.14 -1.04 24.65
CA LYS C 77 -14.33 -1.20 25.47
C LYS C 77 -14.19 -2.41 26.37
N PHE C 78 -13.53 -3.45 25.89
CA PHE C 78 -13.41 -4.61 26.76
C PHE C 78 -12.51 -4.33 27.94
N PHE C 79 -11.50 -3.49 27.75
CA PHE C 79 -10.59 -3.14 28.85
C PHE C 79 -11.35 -2.24 29.80
N GLU C 80 -12.21 -1.40 29.24
CA GLU C 80 -13.02 -0.47 30.04
C GLU C 80 -14.19 -1.16 30.72
N PHE C 81 -14.93 -1.95 29.96
CA PHE C 81 -16.13 -2.61 30.50
C PHE C 81 -16.16 -4.13 30.56
N GLY C 82 -15.13 -4.79 30.03
CA GLY C 82 -15.10 -6.23 30.04
C GLY C 82 -14.86 -6.82 31.42
N SER C 83 -14.91 -8.14 31.51
CA SER C 83 -14.69 -8.82 32.78
C SER C 83 -13.21 -8.99 33.00
N LEU C 84 -12.83 -9.25 34.25
CA LEU C 84 -11.44 -9.44 34.62
C LEU C 84 -10.78 -10.43 33.68
N GLU C 85 -11.38 -11.61 33.54
CA GLU C 85 -10.85 -12.67 32.69
C GLU C 85 -10.65 -12.27 31.24
N GLN C 86 -11.54 -11.45 30.73
CA GLN C 86 -11.42 -11.00 29.35
C GLN C 86 -10.23 -10.07 29.23
N LYS C 87 -10.11 -9.14 30.18
CA LYS C 87 -9.02 -8.19 30.16
C LYS C 87 -7.70 -8.95 30.19
N LEU C 88 -7.63 -10.00 31.02
CA LEU C 88 -6.43 -10.81 31.12
C LEU C 88 -6.10 -11.58 29.84
N ALA C 89 -7.11 -12.12 29.17
CA ALA C 89 -6.90 -12.86 27.92
C ALA C 89 -6.43 -11.91 26.81
N LEU C 90 -6.96 -10.68 26.82
CA LEU C 90 -6.58 -9.69 25.81
C LEU C 90 -5.13 -9.29 26.06
N ALA C 91 -4.77 -9.15 27.33
CA ALA C 91 -3.43 -8.79 27.73
C ALA C 91 -2.44 -9.84 27.25
N GLU C 92 -2.88 -11.09 27.14
CA GLU C 92 -1.98 -12.14 26.66
C GLU C 92 -1.88 -12.10 25.13
N ARG C 93 -2.91 -11.59 24.46
CA ARG C 93 -2.85 -11.49 23.00
C ARG C 93 -1.87 -10.34 22.63
N ILE C 94 -1.64 -9.46 23.60
CA ILE C 94 -0.74 -8.31 23.44
C ILE C 94 0.72 -8.69 23.72
N ARG C 95 0.92 -9.71 24.55
CA ARG C 95 2.26 -10.15 24.92
C ARG C 95 3.15 -10.36 23.70
N GLY C 96 4.32 -9.72 23.73
CA GLY C 96 5.27 -9.84 22.63
C GLY C 96 5.04 -8.78 21.56
N HIS C 97 3.97 -8.00 21.70
CA HIS C 97 3.66 -6.97 20.70
C HIS C 97 3.58 -5.55 21.26
N VAL C 98 3.98 -5.36 22.50
CA VAL C 98 3.87 -4.03 23.07
C VAL C 98 4.56 -2.93 22.26
N LEU C 99 5.81 -3.15 21.89
CA LEU C 99 6.52 -2.13 21.14
C LEU C 99 5.85 -1.72 19.85
N SER C 100 5.51 -2.68 18.99
CA SER C 100 4.90 -2.33 17.70
C SER C 100 3.52 -1.71 17.85
N LEU C 101 2.80 -2.10 18.90
CA LEU C 101 1.47 -1.54 19.14
C LEU C 101 1.60 -0.11 19.68
N ALA C 102 2.59 0.08 20.55
CA ALA C 102 2.83 1.39 21.16
C ALA C 102 3.20 2.44 20.09
N LEU C 103 3.86 1.99 19.03
CA LEU C 103 4.26 2.87 17.94
C LEU C 103 3.17 2.97 16.88
N GLN C 104 2.07 2.23 17.08
CA GLN C 104 0.96 2.17 16.13
C GLN C 104 -0.15 3.21 16.39
N MET C 105 -0.64 3.80 15.30
CA MET C 105 -1.70 4.81 15.37
C MET C 105 -2.88 4.37 16.25
N TYR C 106 -3.45 3.23 15.88
CA TYR C 106 -4.60 2.67 16.60
C TYR C 106 -4.16 1.83 17.80
N GLY C 107 -3.14 1.01 17.58
CA GLY C 107 -2.63 0.15 18.65
C GLY C 107 -2.19 0.85 19.93
N CYS C 108 -1.61 2.03 19.82
CA CYS C 108 -1.17 2.72 21.02
C CYS C 108 -2.32 3.08 21.93
N ARG C 109 -3.51 3.28 21.36
CA ARG C 109 -4.68 3.61 22.15
C ARG C 109 -5.14 2.38 22.98
N VAL C 110 -4.90 1.19 22.44
CA VAL C 110 -5.27 -0.01 23.15
C VAL C 110 -4.29 -0.18 24.30
N ILE C 111 -2.99 -0.04 24.02
CA ILE C 111 -1.98 -0.17 25.04
C ILE C 111 -2.29 0.79 26.19
N GLN C 112 -2.57 2.04 25.86
CA GLN C 112 -2.90 3.02 26.90
C GLN C 112 -4.08 2.58 27.75
N LYS C 113 -5.13 2.11 27.11
CA LYS C 113 -6.29 1.67 27.86
C LYS C 113 -5.97 0.43 28.70
N ALA C 114 -5.19 -0.49 28.16
CA ALA C 114 -4.82 -1.70 28.90
C ALA C 114 -4.06 -1.35 30.18
N LEU C 115 -3.12 -0.42 30.09
CA LEU C 115 -2.33 -0.01 31.25
C LEU C 115 -3.18 0.51 32.40
N GLU C 116 -4.32 1.08 32.08
CA GLU C 116 -5.20 1.62 33.10
C GLU C 116 -5.97 0.55 33.86
N PHE C 117 -6.39 -0.52 33.17
CA PHE C 117 -7.19 -1.53 33.83
C PHE C 117 -6.63 -2.90 34.18
N ILE C 118 -5.43 -3.25 33.75
CA ILE C 118 -4.90 -4.56 34.10
C ILE C 118 -4.17 -4.47 35.44
N PRO C 119 -3.90 -5.62 36.08
CA PRO C 119 -3.20 -5.67 37.37
C PRO C 119 -1.73 -5.25 37.21
N SER C 120 -1.08 -4.94 38.32
CA SER C 120 0.30 -4.50 38.29
C SER C 120 1.26 -5.47 37.61
N ASP C 121 1.02 -6.76 37.78
CA ASP C 121 1.91 -7.73 37.16
C ASP C 121 1.81 -7.66 35.64
N GLN C 122 0.62 -7.42 35.13
CA GLN C 122 0.44 -7.31 33.69
C GLN C 122 1.02 -5.99 33.18
N GLN C 123 0.92 -4.94 34.00
CA GLN C 123 1.45 -3.64 33.62
C GLN C 123 2.97 -3.74 33.52
N ASN C 124 3.59 -4.36 34.53
CA ASN C 124 5.04 -4.50 34.57
C ASN C 124 5.58 -5.30 33.40
N GLU C 125 4.83 -6.31 32.99
CA GLU C 125 5.25 -7.13 31.88
C GLU C 125 5.21 -6.29 30.59
N MET C 126 4.16 -5.48 30.47
CA MET C 126 3.98 -4.63 29.30
C MET C 126 5.09 -3.58 29.22
N VAL C 127 5.26 -2.85 30.31
CA VAL C 127 6.28 -1.82 30.43
C VAL C 127 7.67 -2.37 30.05
N ARG C 128 8.01 -3.57 30.55
CA ARG C 128 9.30 -4.18 30.25
C ARG C 128 9.58 -4.47 28.78
N GLU C 129 8.55 -4.55 27.95
CA GLU C 129 8.79 -4.82 26.53
C GLU C 129 9.30 -3.54 25.88
N LEU C 130 9.27 -2.45 26.64
CA LEU C 130 9.73 -1.14 26.17
C LEU C 130 11.18 -0.93 26.56
N ASP C 131 11.69 -1.86 27.36
CA ASP C 131 13.07 -1.82 27.82
C ASP C 131 13.98 -1.82 26.60
N GLY C 132 14.84 -0.82 26.53
CA GLY C 132 15.76 -0.72 25.39
C GLY C 132 15.23 0.13 24.26
N HIS C 133 14.01 0.64 24.35
CA HIS C 133 13.43 1.45 23.28
C HIS C 133 12.81 2.73 23.83
N VAL C 134 13.25 3.16 25.00
CA VAL C 134 12.65 4.33 25.61
C VAL C 134 12.66 5.58 24.75
N LEU C 135 13.84 6.01 24.32
CA LEU C 135 13.89 7.23 23.52
C LEU C 135 13.11 7.14 22.23
N LYS C 136 13.10 5.98 21.59
CA LYS C 136 12.32 5.85 20.35
C LYS C 136 10.83 6.05 20.62
N CYS C 137 10.34 5.52 21.72
CA CYS C 137 8.93 5.66 22.07
C CYS C 137 8.62 7.09 22.46
N VAL C 138 9.52 7.69 23.22
CA VAL C 138 9.31 9.07 23.67
C VAL C 138 9.22 10.04 22.51
N LYS C 139 10.03 9.82 21.48
CA LYS C 139 10.07 10.70 20.31
C LYS C 139 9.04 10.35 19.23
N ASP C 140 8.25 9.32 19.48
CA ASP C 140 7.23 8.88 18.53
C ASP C 140 5.92 9.61 18.78
N GLN C 141 5.19 9.91 17.72
CA GLN C 141 3.92 10.59 17.85
C GLN C 141 2.88 9.74 18.58
N ASN C 142 3.00 8.42 18.44
CA ASN C 142 2.07 7.51 19.12
C ASN C 142 2.67 7.03 20.41
N GLY C 143 3.88 6.52 20.32
CA GLY C 143 4.58 6.01 21.48
C GLY C 143 4.75 6.91 22.67
N ASN C 144 4.83 8.24 22.47
CA ASN C 144 5.03 9.13 23.62
C ASN C 144 3.87 9.07 24.59
N HIS C 145 2.66 8.83 24.07
CA HIS C 145 1.46 8.74 24.92
C HIS C 145 1.44 7.44 25.72
N VAL C 146 2.05 6.40 25.18
CA VAL C 146 2.11 5.14 25.93
C VAL C 146 3.10 5.36 27.07
N VAL C 147 4.21 6.04 26.79
CA VAL C 147 5.17 6.29 27.87
C VAL C 147 4.53 7.17 28.93
N GLN C 148 3.84 8.23 28.50
CA GLN C 148 3.18 9.09 29.47
C GLN C 148 2.23 8.28 30.35
N LYS C 149 1.46 7.40 29.72
CA LYS C 149 0.50 6.53 30.42
C LYS C 149 1.14 5.61 31.45
N CYS C 150 2.31 5.05 31.09
CA CYS C 150 3.03 4.16 32.00
C CYS C 150 3.39 4.93 33.26
N ILE C 151 3.87 6.14 33.06
CA ILE C 151 4.29 6.96 34.18
C ILE C 151 3.11 7.26 35.09
N GLU C 152 1.97 7.57 34.49
CA GLU C 152 0.75 7.85 35.23
C GLU C 152 0.26 6.60 35.96
N CYS C 153 0.24 5.46 35.28
CA CYS C 153 -0.31 4.22 35.84
C CYS C 153 0.54 3.16 36.52
N VAL C 154 1.80 3.06 36.15
CA VAL C 154 2.66 2.02 36.71
C VAL C 154 3.48 2.46 37.92
N GLN C 155 3.67 1.54 38.86
CA GLN C 155 4.48 1.80 40.06
C GLN C 155 5.79 2.43 39.61
N PRO C 156 6.17 3.58 40.21
CA PRO C 156 7.40 4.30 39.87
C PRO C 156 8.62 3.40 39.75
N GLN C 157 8.74 2.48 40.69
CA GLN C 157 9.84 1.54 40.75
C GLN C 157 10.07 0.77 39.45
N SER C 158 9.00 0.46 38.73
CA SER C 158 9.13 -0.27 37.48
C SER C 158 9.48 0.66 36.30
N LEU C 159 9.51 1.96 36.56
CA LEU C 159 9.81 2.91 35.49
C LEU C 159 11.26 3.40 35.56
N GLN C 160 12.05 2.78 36.42
CA GLN C 160 13.45 3.19 36.59
C GLN C 160 14.21 3.15 35.26
N PHE C 161 13.89 2.20 34.40
CA PHE C 161 14.58 2.10 33.12
C PHE C 161 14.31 3.31 32.22
N ILE C 162 13.20 4.01 32.44
CA ILE C 162 12.88 5.20 31.63
C ILE C 162 13.71 6.34 32.19
N ILE C 163 13.84 6.34 33.51
CA ILE C 163 14.63 7.36 34.19
C ILE C 163 16.09 7.21 33.74
N ASP C 164 16.66 6.00 33.88
CA ASP C 164 18.04 5.78 33.45
C ASP C 164 18.24 6.29 32.03
N ALA C 165 17.23 6.15 31.19
CA ALA C 165 17.36 6.57 29.79
C ALA C 165 17.33 8.08 29.56
N PHE C 166 16.70 8.81 30.48
CA PHE C 166 16.61 10.28 30.38
C PHE C 166 17.86 10.97 30.95
N LYS C 167 18.61 10.26 31.79
CA LYS C 167 19.81 10.85 32.39
C LYS C 167 20.78 11.36 31.33
N GLY C 168 21.11 12.64 31.42
CA GLY C 168 22.02 13.25 30.46
C GLY C 168 21.31 13.82 29.25
N GLN C 169 20.03 13.50 29.08
CA GLN C 169 19.31 14.03 27.93
C GLN C 169 18.09 14.85 28.29
N VAL C 170 18.03 15.25 29.55
CA VAL C 170 16.90 16.04 30.04
C VAL C 170 16.79 17.35 29.27
N PHE C 171 17.91 18.02 29.07
CA PHE C 171 17.83 19.26 28.34
C PHE C 171 17.28 18.99 26.94
N ALA C 172 17.84 18.00 26.26
CA ALA C 172 17.38 17.68 24.91
C ALA C 172 15.91 17.30 24.85
N LEU C 173 15.47 16.45 25.78
CA LEU C 173 14.09 16.02 25.79
C LEU C 173 13.13 17.12 26.27
N SER C 174 13.62 18.05 27.09
CA SER C 174 12.76 19.10 27.57
C SER C 174 12.40 20.12 26.49
N THR C 175 13.20 20.18 25.43
CA THR C 175 12.92 21.09 24.32
C THR C 175 12.28 20.32 23.16
N HIS C 176 12.06 19.02 23.35
CA HIS C 176 11.43 18.19 22.33
C HIS C 176 9.91 18.33 22.54
N PRO C 177 9.11 18.34 21.47
CA PRO C 177 7.66 18.49 21.67
C PRO C 177 6.94 17.38 22.46
N TYR C 178 7.39 16.13 22.35
CA TYR C 178 6.73 15.05 23.12
C TYR C 178 7.48 14.87 24.44
N GLY C 179 8.79 15.03 24.37
CA GLY C 179 9.62 14.89 25.54
C GLY C 179 9.27 15.78 26.71
N CYS C 180 8.95 17.04 26.44
CA CYS C 180 8.61 17.93 27.53
C CYS C 180 7.36 17.38 28.27
N ARG C 181 6.54 16.62 27.56
CA ARG C 181 5.33 16.02 28.14
C ARG C 181 5.71 14.89 29.09
N VAL C 182 6.63 14.04 28.66
CA VAL C 182 7.05 12.91 29.50
C VAL C 182 7.81 13.44 30.72
N ILE C 183 8.63 14.47 30.53
CA ILE C 183 9.34 15.06 31.64
C ILE C 183 8.34 15.53 32.71
N GLN C 184 7.26 16.19 32.30
CA GLN C 184 6.30 16.68 33.27
C GLN C 184 5.62 15.51 34.03
N ARG C 185 5.27 14.43 33.32
CA ARG C 185 4.66 13.27 33.98
C ARG C 185 5.67 12.69 34.97
N ILE C 186 6.95 12.70 34.60
CA ILE C 186 7.97 12.16 35.50
C ILE C 186 8.08 12.97 36.79
N LEU C 187 7.94 14.29 36.67
CA LEU C 187 8.02 15.18 37.83
C LEU C 187 6.84 15.04 38.80
N GLU C 188 5.70 14.62 38.26
CA GLU C 188 4.48 14.45 39.05
C GLU C 188 4.31 13.06 39.68
N HIS C 189 4.89 12.02 39.07
CA HIS C 189 4.67 10.68 39.58
C HIS C 189 5.87 9.90 40.08
N CYS C 190 7.06 10.25 39.61
CA CYS C 190 8.23 9.49 40.02
C CYS C 190 8.75 9.81 41.41
N LEU C 191 9.60 8.90 41.90
CA LEU C 191 10.21 8.99 43.23
C LEU C 191 11.36 9.98 43.30
N PRO C 192 11.61 10.50 44.51
CA PRO C 192 12.68 11.48 44.78
C PRO C 192 14.02 11.11 44.15
N ASP C 193 14.42 9.84 44.31
CA ASP C 193 15.67 9.35 43.74
C ASP C 193 15.65 9.43 42.23
N GLN C 194 14.44 9.47 41.67
CA GLN C 194 14.26 9.55 40.22
C GLN C 194 14.09 10.98 39.71
N THR C 195 13.36 11.83 40.43
CA THR C 195 13.14 13.20 39.98
C THR C 195 14.34 14.11 40.30
N LEU C 196 15.15 13.69 41.26
CA LEU C 196 16.34 14.43 41.67
C LEU C 196 17.31 14.73 40.53
N PRO C 197 17.79 13.69 39.81
CA PRO C 197 18.72 13.93 38.72
C PRO C 197 18.07 14.68 37.56
N ILE C 198 16.77 14.49 37.36
CA ILE C 198 16.08 15.21 36.28
C ILE C 198 16.10 16.71 36.66
N LEU C 199 15.82 17.02 37.91
CA LEU C 199 15.79 18.40 38.37
C LEU C 199 17.17 19.07 38.31
N GLU C 200 18.23 18.32 38.59
CA GLU C 200 19.56 18.93 38.52
C GLU C 200 19.82 19.43 37.10
N GLU C 201 19.55 18.58 36.11
CA GLU C 201 19.76 18.96 34.72
C GLU C 201 18.84 20.11 34.32
N LEU C 202 17.63 20.15 34.88
CA LEU C 202 16.71 21.23 34.53
C LEU C 202 17.25 22.54 35.11
N HIS C 203 17.85 22.48 36.28
CA HIS C 203 18.39 23.68 36.89
C HIS C 203 19.63 24.15 36.12
N GLN C 204 20.43 23.21 35.63
CA GLN C 204 21.62 23.56 34.87
C GLN C 204 21.35 24.26 33.54
N HIS C 205 20.20 23.98 32.91
CA HIS C 205 19.88 24.60 31.62
C HIS C 205 18.64 25.50 31.70
N THR C 206 18.37 26.01 32.90
CA THR C 206 17.21 26.85 33.11
C THR C 206 17.21 28.05 32.18
N GLU C 207 18.34 28.75 32.12
CA GLU C 207 18.43 29.91 31.26
C GLU C 207 17.97 29.64 29.83
N GLN C 208 18.43 28.55 29.23
CA GLN C 208 18.03 28.22 27.85
C GLN C 208 16.60 27.72 27.82
N LEU C 209 16.23 26.93 28.82
CA LEU C 209 14.88 26.38 28.86
C LEU C 209 13.75 27.39 28.94
N VAL C 210 13.89 28.43 29.76
CA VAL C 210 12.80 29.40 29.89
C VAL C 210 12.46 30.02 28.55
N GLN C 211 13.45 30.11 27.67
CA GLN C 211 13.24 30.73 26.36
C GLN C 211 12.88 29.75 25.24
N ASP C 212 12.86 28.47 25.55
CA ASP C 212 12.54 27.47 24.53
C ASP C 212 11.05 27.30 24.33
N GLN C 213 10.67 27.04 23.08
CA GLN C 213 9.26 26.84 22.71
C GLN C 213 8.58 25.78 23.56
N TYR C 214 9.33 24.79 24.01
CA TYR C 214 8.73 23.74 24.82
C TYR C 214 9.29 23.68 26.22
N GLY C 215 10.56 24.00 26.36
CA GLY C 215 11.18 23.98 27.67
C GLY C 215 10.51 24.91 28.66
N ASN C 216 10.00 26.04 28.18
CA ASN C 216 9.36 26.98 29.08
C ASN C 216 8.20 26.35 29.85
N TYR C 217 7.54 25.35 29.28
CA TYR C 217 6.43 24.69 29.97
C TYR C 217 6.94 23.81 31.11
N VAL C 218 8.09 23.17 30.93
CA VAL C 218 8.65 22.33 31.99
C VAL C 218 9.03 23.18 33.19
N ILE C 219 9.64 24.34 32.95
CA ILE C 219 10.05 25.20 34.06
C ILE C 219 8.82 25.72 34.81
N GLN C 220 7.77 26.09 34.08
CA GLN C 220 6.54 26.55 34.74
C GLN C 220 6.00 25.39 35.59
N HIS C 221 6.02 24.19 35.03
CA HIS C 221 5.51 23.04 35.77
C HIS C 221 6.15 22.97 37.15
N VAL C 222 7.46 23.15 37.20
CA VAL C 222 8.16 23.13 38.48
C VAL C 222 7.74 24.31 39.34
N LEU C 223 7.51 25.47 38.75
CA LEU C 223 7.07 26.62 39.55
C LEU C 223 5.68 26.38 40.14
N GLU C 224 4.87 25.62 39.43
CA GLU C 224 3.51 25.34 39.87
C GLU C 224 3.32 24.10 40.74
N HIS C 225 4.24 23.14 40.72
CA HIS C 225 4.04 21.93 41.53
C HIS C 225 5.30 21.47 42.24
N GLY C 226 6.41 22.14 41.94
CA GLY C 226 7.68 21.78 42.54
C GLY C 226 7.87 22.15 43.99
N ARG C 227 8.99 21.68 44.54
CA ARG C 227 9.38 21.95 45.91
C ARG C 227 9.89 23.38 45.94
N PRO C 228 9.69 24.08 47.06
CA PRO C 228 10.16 25.46 47.18
C PRO C 228 11.63 25.67 46.81
N GLU C 229 12.48 24.70 47.18
CA GLU C 229 13.91 24.79 46.89
C GLU C 229 14.14 24.90 45.38
N ASP C 230 13.45 24.04 44.64
CA ASP C 230 13.58 24.05 43.19
C ASP C 230 13.01 25.34 42.58
N LYS C 231 11.90 25.83 43.15
CA LYS C 231 11.29 27.07 42.66
C LYS C 231 12.25 28.25 42.84
N SER C 232 12.85 28.35 44.01
CA SER C 232 13.79 29.44 44.30
C SER C 232 14.98 29.43 43.35
N LYS C 233 15.49 28.24 43.00
CA LYS C 233 16.59 28.19 42.06
C LYS C 233 16.17 28.78 40.72
N ILE C 234 14.96 28.44 40.27
CA ILE C 234 14.49 28.99 39.01
C ILE C 234 14.38 30.51 39.14
N VAL C 235 13.74 30.96 40.21
CA VAL C 235 13.58 32.39 40.46
C VAL C 235 14.90 33.14 40.44
N ALA C 236 15.95 32.57 41.05
CA ALA C 236 17.24 33.25 41.05
C ALA C 236 17.88 33.40 39.66
N GLU C 237 17.37 32.66 38.67
CA GLU C 237 17.91 32.76 37.30
C GLU C 237 17.17 33.87 36.58
N ILE C 238 15.94 34.10 37.00
CA ILE C 238 15.08 35.12 36.44
C ILE C 238 15.49 36.51 36.96
N ARG C 239 15.91 36.53 38.22
CA ARG C 239 16.33 37.77 38.88
C ARG C 239 17.44 38.45 38.11
N GLY C 240 17.29 39.76 37.91
CA GLY C 240 18.30 40.51 37.19
C GLY C 240 17.96 40.55 35.72
N ASN C 241 17.03 39.68 35.31
CA ASN C 241 16.62 39.60 33.92
C ASN C 241 15.12 39.75 33.74
N VAL C 242 14.44 40.26 34.76
CA VAL C 242 13.00 40.42 34.67
C VAL C 242 12.61 41.22 33.44
N LEU C 243 13.22 42.38 33.26
CA LEU C 243 12.92 43.23 32.11
C LEU C 243 13.06 42.53 30.77
N VAL C 244 14.22 41.93 30.54
CA VAL C 244 14.49 41.24 29.28
C VAL C 244 13.60 40.01 29.06
N LEU C 245 13.46 39.17 30.06
CA LEU C 245 12.63 37.97 29.90
C LEU C 245 11.14 38.25 29.76
N SER C 246 10.62 39.25 30.48
CA SER C 246 9.17 39.52 30.38
C SER C 246 8.80 40.00 28.98
N GLN C 247 9.81 40.41 28.22
CA GLN C 247 9.58 40.87 26.85
C GLN C 247 9.79 39.75 25.84
N HIS C 248 9.96 38.53 26.33
CA HIS C 248 10.19 37.36 25.47
C HIS C 248 8.90 36.59 25.31
N LYS C 249 8.59 36.16 24.09
CA LYS C 249 7.34 35.45 23.87
C LYS C 249 7.23 34.23 24.74
N PHE C 250 8.33 33.53 24.93
CA PHE C 250 8.28 32.32 25.74
C PHE C 250 8.59 32.51 27.23
N ALA C 251 9.72 33.14 27.55
CA ALA C 251 10.09 33.33 28.93
C ALA C 251 9.13 34.24 29.70
N SER C 252 8.36 35.07 28.99
CA SER C 252 7.44 35.97 29.69
C SER C 252 6.51 35.18 30.58
N ASN C 253 5.99 34.08 30.05
CA ASN C 253 5.10 33.21 30.83
C ASN C 253 5.84 32.66 32.04
N VAL C 254 7.14 32.44 31.90
CA VAL C 254 7.89 31.92 33.03
C VAL C 254 8.07 33.00 34.09
N VAL C 255 8.23 34.26 33.71
CA VAL C 255 8.40 35.26 34.77
C VAL C 255 7.06 35.49 35.49
N GLU C 256 5.95 35.29 34.80
CA GLU C 256 4.65 35.42 35.44
C GLU C 256 4.58 34.33 36.52
N LYS C 257 4.90 33.09 36.16
CA LYS C 257 4.83 32.00 37.14
C LYS C 257 5.72 32.26 38.34
N CYS C 258 6.84 32.94 38.10
CA CYS C 258 7.75 33.26 39.18
C CYS C 258 7.07 34.25 40.09
N VAL C 259 6.45 35.27 39.49
CA VAL C 259 5.75 36.30 40.24
C VAL C 259 4.71 35.68 41.13
N THR C 260 3.90 34.80 40.55
CA THR C 260 2.83 34.10 41.24
C THR C 260 3.24 33.07 42.30
N HIS C 261 4.29 32.28 42.03
CA HIS C 261 4.66 31.23 42.97
C HIS C 261 5.92 31.45 43.80
N ALA C 262 6.55 32.61 43.65
CA ALA C 262 7.75 32.88 44.43
C ALA C 262 7.34 33.06 45.89
N SER C 263 8.31 33.06 46.79
CA SER C 263 8.03 33.27 48.22
C SER C 263 7.69 34.75 48.35
N ARG C 264 7.27 35.17 49.54
CA ARG C 264 6.93 36.57 49.77
C ARG C 264 8.13 37.47 49.47
N THR C 265 9.30 37.10 49.99
CA THR C 265 10.51 37.87 49.75
C THR C 265 10.87 37.90 48.28
N GLU C 266 10.93 36.73 47.63
CA GLU C 266 11.28 36.67 46.21
C GLU C 266 10.33 37.52 45.36
N ARG C 267 9.04 37.48 45.68
CA ARG C 267 8.06 38.24 44.92
C ARG C 267 8.32 39.74 45.01
N ALA C 268 8.54 40.22 46.22
CA ALA C 268 8.80 41.63 46.44
C ALA C 268 10.06 42.05 45.67
N VAL C 269 11.07 41.20 45.69
CA VAL C 269 12.32 41.50 45.00
C VAL C 269 12.14 41.60 43.50
N LEU C 270 11.36 40.67 42.94
CA LEU C 270 11.10 40.67 41.50
C LEU C 270 10.35 41.93 41.06
N ILE C 271 9.33 42.31 41.81
CA ILE C 271 8.55 43.49 41.47
C ILE C 271 9.40 44.76 41.57
N ASP C 272 10.19 44.83 42.65
CA ASP C 272 11.07 45.97 42.91
C ASP C 272 12.10 46.14 41.81
N GLU C 273 12.60 45.03 41.30
CA GLU C 273 13.61 45.09 40.26
C GLU C 273 13.16 46.00 39.12
N VAL C 274 11.89 45.91 38.73
CA VAL C 274 11.38 46.72 37.64
C VAL C 274 10.75 48.05 38.08
N CYS C 275 10.67 48.26 39.39
CA CYS C 275 10.13 49.51 39.91
C CYS C 275 11.30 50.45 40.22
N THR C 276 12.50 49.88 40.34
CA THR C 276 13.72 50.63 40.63
C THR C 276 14.54 50.85 39.36
N MET C 277 14.81 49.76 38.66
CA MET C 277 15.59 49.79 37.42
C MET C 277 15.01 50.78 36.41
N ASN C 278 15.90 51.48 35.74
CA ASN C 278 15.51 52.45 34.72
C ASN C 278 15.92 51.87 33.38
N ASP C 279 14.98 51.82 32.44
CA ASP C 279 15.26 51.32 31.11
C ASP C 279 15.37 52.56 30.25
N GLY C 280 16.58 53.12 30.18
CA GLY C 280 16.79 54.33 29.42
C GLY C 280 16.38 55.51 30.27
N PRO C 281 15.46 56.37 29.79
CA PRO C 281 15.00 57.53 30.55
C PRO C 281 13.88 57.15 31.51
N HIS C 282 12.96 56.32 31.03
CA HIS C 282 11.81 55.86 31.81
C HIS C 282 12.10 54.50 32.43
N SER C 283 11.44 54.20 33.54
CA SER C 283 11.66 52.93 34.23
C SER C 283 11.47 51.68 33.36
N ALA C 284 11.95 50.56 33.90
CA ALA C 284 11.82 49.28 33.23
C ALA C 284 10.34 48.93 33.16
N LEU C 285 9.61 49.31 34.20
CA LEU C 285 8.19 49.04 34.27
C LEU C 285 7.48 49.71 33.09
N TYR C 286 7.91 50.92 32.75
CA TYR C 286 7.27 51.64 31.65
C TYR C 286 7.49 50.97 30.28
N THR C 287 8.69 50.45 30.05
CA THR C 287 8.98 49.77 28.81
C THR C 287 8.12 48.51 28.78
N MET C 288 8.01 47.88 29.93
CA MET C 288 7.22 46.66 30.04
C MET C 288 5.75 46.92 29.72
N MET C 289 5.22 48.02 30.22
CA MET C 289 3.81 48.35 29.98
C MET C 289 3.48 48.45 28.50
N LYS C 290 4.46 48.90 27.71
CA LYS C 290 4.27 49.06 26.27
C LYS C 290 4.57 47.84 25.40
N ASP C 291 5.10 46.78 26.01
CA ASP C 291 5.47 45.57 25.26
C ASP C 291 4.34 44.57 25.07
N GLN C 292 4.32 43.90 23.92
CA GLN C 292 3.29 42.92 23.59
C GLN C 292 3.18 41.75 24.57
N TYR C 293 4.29 41.44 25.25
CA TYR C 293 4.31 40.34 26.21
C TYR C 293 4.47 40.83 27.66
N ALA C 294 5.36 41.81 27.85
CA ALA C 294 5.62 42.34 29.18
C ALA C 294 4.37 42.95 29.88
N ASN C 295 3.49 43.60 29.11
CA ASN C 295 2.30 44.17 29.73
C ASN C 295 1.60 43.11 30.59
N TYR C 296 1.61 41.86 30.14
CA TYR C 296 0.98 40.78 30.92
C TYR C 296 1.70 40.56 32.23
N VAL C 297 3.02 40.74 32.23
CA VAL C 297 3.77 40.55 33.47
C VAL C 297 3.43 41.64 34.49
N VAL C 298 3.27 42.86 34.01
CA VAL C 298 2.92 43.97 34.91
C VAL C 298 1.56 43.71 35.53
N GLN C 299 0.60 43.28 34.72
CA GLN C 299 -0.75 43.03 35.21
C GLN C 299 -0.73 41.97 36.29
N LYS C 300 0.08 40.94 36.09
CA LYS C 300 0.22 39.86 37.05
C LYS C 300 0.89 40.40 38.31
N MET C 301 1.82 41.33 38.15
CA MET C 301 2.52 41.90 39.29
C MET C 301 1.52 42.72 40.12
N ILE C 302 0.68 43.49 39.43
CA ILE C 302 -0.33 44.28 40.12
C ILE C 302 -1.21 43.33 40.92
N ASP C 303 -1.61 42.23 40.31
CA ASP C 303 -2.47 41.25 40.97
C ASP C 303 -1.96 40.60 42.25
N VAL C 304 -0.70 40.14 42.23
CA VAL C 304 -0.13 39.44 43.40
C VAL C 304 0.64 40.31 44.38
N ALA C 305 0.89 41.56 44.00
CA ALA C 305 1.63 42.43 44.90
C ALA C 305 0.88 42.67 46.22
N GLU C 306 1.64 42.77 47.29
CA GLU C 306 1.10 43.04 48.62
C GLU C 306 0.61 44.50 48.54
N PRO C 307 -0.50 44.84 49.22
CA PRO C 307 -1.01 46.21 49.15
C PRO C 307 0.04 47.33 49.22
N GLY C 308 1.09 47.14 50.00
CA GLY C 308 2.12 48.16 50.08
C GLY C 308 2.81 48.30 48.74
N GLN C 309 3.29 47.18 48.20
CA GLN C 309 3.98 47.20 46.92
C GLN C 309 3.05 47.59 45.77
N ARG C 310 1.79 47.16 45.82
CA ARG C 310 0.84 47.50 44.76
C ARG C 310 0.76 49.02 44.65
N LYS C 311 0.80 49.68 45.81
CA LYS C 311 0.73 51.13 45.87
C LYS C 311 1.92 51.72 45.13
N ILE C 312 3.10 51.18 45.39
CA ILE C 312 4.33 51.65 44.74
C ILE C 312 4.24 51.47 43.21
N VAL C 313 3.76 50.31 42.79
CA VAL C 313 3.62 50.01 41.38
C VAL C 313 2.68 50.99 40.69
N MET C 314 1.55 51.30 41.35
CA MET C 314 0.57 52.22 40.80
C MET C 314 1.15 53.60 40.62
N HIS C 315 1.97 54.02 41.57
CA HIS C 315 2.60 55.32 41.54
C HIS C 315 3.60 55.45 40.39
N LYS C 316 4.29 54.35 40.08
CA LYS C 316 5.26 54.37 38.99
C LYS C 316 4.48 54.39 37.68
N ILE C 317 3.31 53.78 37.69
CA ILE C 317 2.45 53.75 36.50
C ILE C 317 1.71 55.08 36.26
N ARG C 318 1.27 55.70 37.34
CA ARG C 318 0.51 56.96 37.31
C ARG C 318 0.88 58.04 36.28
N PRO C 319 2.08 58.63 36.39
CA PRO C 319 2.44 59.66 35.42
C PRO C 319 2.32 59.30 33.94
N HIS C 320 2.25 58.00 33.66
CA HIS C 320 2.16 57.54 32.27
C HIS C 320 0.74 57.26 31.82
N ILE C 321 -0.22 57.38 32.73
CA ILE C 321 -1.61 57.09 32.40
C ILE C 321 -2.13 57.69 31.11
N ALA C 322 -1.85 58.96 30.84
CA ALA C 322 -2.37 59.57 29.61
C ALA C 322 -1.63 59.13 28.34
N THR C 323 -0.34 58.87 28.44
CA THR C 323 0.41 58.44 27.27
C THR C 323 0.08 56.99 26.89
N LEU C 324 -0.14 56.13 27.88
CA LEU C 324 -0.46 54.73 27.64
C LEU C 324 -1.55 54.49 26.59
N ARG C 325 -2.54 55.38 26.55
CA ARG C 325 -3.66 55.27 25.62
C ARG C 325 -3.20 55.24 24.16
N LYS C 326 -2.02 55.76 23.90
CA LYS C 326 -1.50 55.82 22.53
C LYS C 326 -0.74 54.57 22.09
N TYR C 327 -0.52 53.63 22.99
CA TYR C 327 0.23 52.42 22.66
C TYR C 327 -0.61 51.16 22.63
N THR C 328 -0.53 50.46 21.51
CA THR C 328 -1.27 49.21 21.32
C THR C 328 -1.39 48.38 22.58
N TYR C 329 -0.29 48.25 23.34
CA TYR C 329 -0.33 47.44 24.55
C TYR C 329 -0.53 48.23 25.84
N GLY C 330 -0.08 49.49 25.84
CA GLY C 330 -0.26 50.31 27.03
C GLY C 330 -1.74 50.38 27.32
N LYS C 331 -2.53 50.51 26.27
CA LYS C 331 -3.97 50.57 26.39
C LYS C 331 -4.48 49.47 27.33
N HIS C 332 -4.03 48.25 27.07
CA HIS C 332 -4.47 47.11 27.86
C HIS C 332 -4.16 47.29 29.32
N ILE C 333 -3.10 48.05 29.62
CA ILE C 333 -2.77 48.29 31.01
C ILE C 333 -3.87 49.19 31.57
N LEU C 334 -4.30 50.19 30.80
CA LEU C 334 -5.34 51.08 31.27
C LEU C 334 -6.54 50.26 31.72
N ALA C 335 -6.94 49.31 30.89
CA ALA C 335 -8.08 48.45 31.20
C ALA C 335 -7.93 47.83 32.59
N LYS C 336 -6.75 47.29 32.87
CA LYS C 336 -6.46 46.66 34.15
C LYS C 336 -6.55 47.69 35.28
N LEU C 337 -6.13 48.92 35.00
CA LEU C 337 -6.18 49.98 36.01
C LEU C 337 -7.61 50.32 36.41
N GLU C 338 -8.57 50.05 35.52
CA GLU C 338 -9.97 50.32 35.80
C GLU C 338 -10.36 49.56 37.07
N LYS C 339 -10.05 48.27 37.05
CA LYS C 339 -10.32 47.36 38.17
C LYS C 339 -9.85 47.94 39.52
N TYR C 340 -8.93 48.89 39.47
CA TYR C 340 -8.38 49.47 40.71
C TYR C 340 -8.68 50.95 40.99
N TYR C 341 -9.47 51.61 40.14
CA TYR C 341 -9.80 53.02 40.37
C TYR C 341 -11.30 53.20 40.62
N GLY D 1 15.63 11.71 -0.10
CA GLY D 1 15.74 10.70 -1.20
C GLY D 1 14.79 9.52 -1.01
N ARG D 2 14.92 8.86 0.14
CA ARG D 2 14.07 7.73 0.47
C ARG D 2 13.74 7.75 1.96
N SER D 3 12.54 8.23 2.28
CA SER D 3 12.07 8.34 3.65
C SER D 3 12.52 7.18 4.53
N ARG D 4 12.50 7.42 5.84
CA ARG D 4 12.89 6.39 6.80
C ARG D 4 11.85 5.27 6.83
N LEU D 5 10.59 5.62 6.57
CA LEU D 5 9.53 4.62 6.57
C LEU D 5 9.85 3.56 5.52
N LEU D 6 10.17 4.01 4.31
CA LEU D 6 10.49 3.08 3.25
C LEU D 6 11.71 2.24 3.66
N GLU D 7 12.81 2.90 3.97
CA GLU D 7 14.04 2.22 4.38
C GLU D 7 13.81 1.19 5.48
N ASP D 8 13.04 1.56 6.50
CA ASP D 8 12.77 0.60 7.56
C ASP D 8 11.99 -0.59 7.01
N PHE D 9 11.02 -0.32 6.14
CA PHE D 9 10.20 -1.38 5.57
C PHE D 9 11.07 -2.38 4.81
N ARG D 10 11.98 -1.86 4.00
CA ARG D 10 12.88 -2.68 3.21
C ARG D 10 13.76 -3.55 4.09
N ASN D 11 13.81 -3.24 5.39
CA ASN D 11 14.63 -4.02 6.33
C ASN D 11 13.81 -4.69 7.42
N ASN D 12 12.67 -5.27 7.03
CA ASN D 12 11.79 -5.98 7.97
C ASN D 12 11.41 -5.24 9.24
N ARG D 13 11.87 -4.02 9.41
CA ARG D 13 11.54 -3.24 10.61
C ARG D 13 10.02 -3.18 10.86
N TYR D 14 9.23 -3.36 9.80
CA TYR D 14 7.79 -3.32 9.92
C TYR D 14 7.17 -4.67 9.58
N PRO D 15 6.82 -5.44 10.61
CA PRO D 15 6.21 -6.77 10.46
C PRO D 15 4.80 -6.70 9.89
N ASN D 16 3.96 -5.90 10.54
CA ASN D 16 2.58 -5.77 10.10
C ASN D 16 2.25 -4.37 9.58
N LEU D 17 2.85 -4.01 8.45
CA LEU D 17 2.63 -2.70 7.86
C LEU D 17 1.31 -2.72 7.07
N GLN D 18 0.55 -1.64 7.16
CA GLN D 18 -0.74 -1.54 6.46
C GLN D 18 -0.84 -0.25 5.63
N LEU D 19 -1.60 -0.32 4.53
CA LEU D 19 -1.79 0.80 3.62
C LEU D 19 -1.96 2.18 4.25
N ARG D 20 -2.81 2.28 5.27
CA ARG D 20 -3.06 3.56 5.91
C ARG D 20 -1.80 4.16 6.52
N GLU D 21 -0.80 3.33 6.78
CA GLU D 21 0.43 3.82 7.38
C GLU D 21 1.42 4.41 6.39
N ILE D 22 1.22 4.17 5.10
CA ILE D 22 2.14 4.74 4.13
C ILE D 22 1.51 5.95 3.45
N ALA D 23 0.51 6.54 4.11
CA ALA D 23 -0.16 7.74 3.58
C ALA D 23 0.91 8.84 3.41
N GLY D 24 0.97 9.42 2.22
CA GLY D 24 1.96 10.44 1.95
C GLY D 24 3.22 9.83 1.34
N HIS D 25 3.28 8.49 1.31
CA HIS D 25 4.43 7.77 0.76
C HIS D 25 4.03 6.81 -0.36
N ILE D 26 2.79 6.94 -0.83
CA ILE D 26 2.27 6.06 -1.86
C ILE D 26 3.09 6.09 -3.14
N MET D 27 3.51 7.27 -3.56
CA MET D 27 4.29 7.36 -4.79
C MET D 27 5.63 6.62 -4.68
N GLU D 28 6.42 6.93 -3.67
CA GLU D 28 7.73 6.27 -3.55
C GLU D 28 7.64 4.77 -3.31
N PHE D 29 6.59 4.33 -2.63
CA PHE D 29 6.40 2.91 -2.39
C PHE D 29 6.03 2.27 -3.73
N SER D 30 5.36 3.04 -4.59
CA SER D 30 4.93 2.54 -5.88
C SER D 30 6.06 2.41 -6.93
N GLN D 31 7.16 3.13 -6.72
CA GLN D 31 8.27 3.08 -7.65
C GLN D 31 9.42 2.30 -7.02
N ASP D 32 9.10 1.55 -5.96
CA ASP D 32 10.06 0.73 -5.21
C ASP D 32 9.72 -0.75 -5.39
N GLN D 33 10.72 -1.61 -5.64
CA GLN D 33 10.45 -3.03 -5.84
C GLN D 33 9.57 -3.64 -4.78
N HIS D 34 10.01 -3.50 -3.53
CA HIS D 34 9.28 -4.05 -2.40
C HIS D 34 8.06 -3.22 -2.02
N GLY D 35 8.15 -1.91 -2.24
CA GLY D 35 7.03 -1.04 -1.92
C GLY D 35 5.88 -1.37 -2.84
N SER D 36 6.18 -1.47 -4.12
CA SER D 36 5.19 -1.77 -5.16
C SER D 36 4.49 -3.09 -4.85
N ARG D 37 5.26 -4.14 -4.58
CA ARG D 37 4.70 -5.45 -4.28
C ARG D 37 3.78 -5.35 -3.06
N PHE D 38 4.16 -4.53 -2.08
CA PHE D 38 3.35 -4.37 -0.88
C PHE D 38 1.98 -3.77 -1.21
N ILE D 39 1.94 -2.89 -2.19
CA ILE D 39 0.68 -2.26 -2.55
C ILE D 39 -0.17 -3.19 -3.44
N GLN D 40 0.47 -3.86 -4.39
CA GLN D 40 -0.22 -4.78 -5.28
C GLN D 40 -0.97 -5.82 -4.47
N LEU D 41 -0.24 -6.47 -3.56
CA LEU D 41 -0.83 -7.52 -2.75
C LEU D 41 -1.71 -7.00 -1.62
N LYS D 42 -1.99 -5.71 -1.61
CA LYS D 42 -2.82 -5.13 -0.57
C LYS D 42 -4.06 -4.49 -1.18
N LEU D 43 -4.00 -4.21 -2.48
CA LEU D 43 -5.10 -3.59 -3.21
C LEU D 43 -6.16 -4.60 -3.63
N GLU D 44 -5.73 -5.82 -3.95
CA GLU D 44 -6.66 -6.88 -4.38
C GLU D 44 -7.85 -6.94 -3.42
N ARG D 45 -7.55 -7.20 -2.16
CA ARG D 45 -8.58 -7.32 -1.12
C ARG D 45 -8.71 -6.05 -0.29
N ALA D 46 -8.21 -4.94 -0.81
CA ALA D 46 -8.28 -3.67 -0.09
C ALA D 46 -9.72 -3.17 -0.01
N THR D 47 -10.06 -2.55 1.11
CA THR D 47 -11.39 -2.01 1.31
C THR D 47 -11.52 -0.78 0.37
N PRO D 48 -12.74 -0.34 0.08
CA PRO D 48 -12.91 0.82 -0.80
C PRO D 48 -12.17 2.07 -0.31
N ALA D 49 -12.31 2.35 0.99
CA ALA D 49 -11.66 3.51 1.58
C ALA D 49 -10.15 3.39 1.40
N GLU D 50 -9.59 2.23 1.75
CA GLU D 50 -8.16 2.02 1.61
C GLU D 50 -7.73 2.27 0.20
N ARG D 51 -8.47 1.69 -0.73
CA ARG D 51 -8.17 1.82 -2.14
C ARG D 51 -8.18 3.28 -2.56
N GLN D 52 -9.18 4.04 -2.09
CA GLN D 52 -9.29 5.45 -2.43
C GLN D 52 -8.08 6.26 -1.91
N LEU D 53 -7.59 5.91 -0.73
CA LEU D 53 -6.44 6.57 -0.17
C LEU D 53 -5.23 6.41 -1.08
N VAL D 54 -5.09 5.22 -1.66
CA VAL D 54 -3.99 4.95 -2.58
C VAL D 54 -4.22 5.70 -3.87
N PHE D 55 -5.47 5.66 -4.33
CA PHE D 55 -5.84 6.34 -5.57
C PHE D 55 -5.53 7.83 -5.53
N ASN D 56 -5.91 8.51 -4.44
CA ASN D 56 -5.67 9.94 -4.29
C ASN D 56 -4.22 10.36 -4.58
N GLU D 57 -3.28 9.53 -4.14
CA GLU D 57 -1.85 9.80 -4.29
C GLU D 57 -1.20 9.37 -5.62
N ILE D 58 -1.93 8.64 -6.47
CA ILE D 58 -1.31 8.24 -7.72
C ILE D 58 -2.01 8.78 -8.96
N LEU D 59 -3.20 9.32 -8.78
CA LEU D 59 -3.95 9.85 -9.92
C LEU D 59 -3.17 10.85 -10.76
N GLN D 60 -2.66 11.91 -10.14
CA GLN D 60 -1.93 12.95 -10.85
C GLN D 60 -0.77 12.43 -11.71
N ALA D 61 0.11 11.66 -11.10
CA ALA D 61 1.27 11.11 -11.82
C ALA D 61 1.02 9.66 -12.21
N ALA D 62 -0.23 9.33 -12.54
CA ALA D 62 -0.58 7.97 -12.94
C ALA D 62 0.27 7.53 -14.13
N TYR D 63 0.37 8.39 -15.13
CA TYR D 63 1.15 8.10 -16.34
C TYR D 63 2.59 7.74 -15.96
N GLN D 64 3.23 8.58 -15.16
CA GLN D 64 4.60 8.32 -14.73
C GLN D 64 4.72 6.92 -14.13
N LEU D 65 3.72 6.51 -13.37
CA LEU D 65 3.78 5.20 -12.74
C LEU D 65 3.51 4.12 -13.77
N MET D 66 2.98 4.50 -14.93
CA MET D 66 2.67 3.53 -15.97
C MET D 66 3.90 3.05 -16.73
N VAL D 67 4.85 3.96 -16.93
CA VAL D 67 6.07 3.64 -17.66
C VAL D 67 7.20 3.38 -16.66
N ASP D 68 6.83 3.01 -15.44
CA ASP D 68 7.79 2.73 -14.40
C ASP D 68 7.92 1.24 -14.13
N VAL D 69 9.15 0.77 -14.09
CA VAL D 69 9.44 -0.64 -13.87
C VAL D 69 8.60 -1.27 -12.79
N PHE D 70 8.33 -0.51 -11.72
CA PHE D 70 7.52 -1.03 -10.62
C PHE D 70 6.17 -0.33 -10.47
N GLY D 71 6.07 0.91 -10.92
CA GLY D 71 4.82 1.64 -10.81
C GLY D 71 3.70 0.99 -11.63
N ASN D 72 4.04 0.51 -12.82
CA ASN D 72 3.07 -0.12 -13.72
C ASN D 72 2.17 -1.13 -13.02
N TYR D 73 2.70 -1.91 -12.08
CA TYR D 73 1.90 -2.90 -11.39
C TYR D 73 0.78 -2.30 -10.51
N VAL D 74 1.07 -1.16 -9.88
CA VAL D 74 0.06 -0.53 -9.02
C VAL D 74 -1.10 -0.06 -9.88
N ILE D 75 -0.79 0.57 -11.01
CA ILE D 75 -1.80 1.05 -11.92
C ILE D 75 -2.64 -0.09 -12.49
N GLN D 76 -1.98 -1.17 -12.90
CA GLN D 76 -2.69 -2.33 -13.45
C GLN D 76 -3.69 -2.86 -12.44
N LYS D 77 -3.26 -2.90 -11.19
CA LYS D 77 -4.08 -3.40 -10.10
C LYS D 77 -5.37 -2.58 -9.93
N PHE D 78 -5.37 -1.34 -10.42
CA PHE D 78 -6.57 -0.52 -10.32
C PHE D 78 -7.57 -0.86 -11.41
N PHE D 79 -7.08 -1.34 -12.55
CA PHE D 79 -8.00 -1.73 -13.62
C PHE D 79 -8.60 -3.07 -13.22
N GLU D 80 -7.80 -3.89 -12.53
CA GLU D 80 -8.25 -5.19 -12.08
C GLU D 80 -9.27 -5.12 -10.96
N PHE D 81 -8.97 -4.36 -9.91
CA PHE D 81 -9.85 -4.25 -8.77
C PHE D 81 -10.43 -2.86 -8.48
N GLY D 82 -10.14 -1.89 -9.32
CA GLY D 82 -10.65 -0.55 -9.09
C GLY D 82 -12.15 -0.39 -9.34
N SER D 83 -12.68 0.74 -8.89
CA SER D 83 -14.09 1.02 -9.11
C SER D 83 -14.16 1.58 -10.52
N LEU D 84 -15.31 1.43 -11.18
CA LEU D 84 -15.49 1.93 -12.53
C LEU D 84 -15.10 3.41 -12.63
N GLU D 85 -15.38 4.18 -11.58
CA GLU D 85 -14.99 5.58 -11.59
C GLU D 85 -13.47 5.71 -11.67
N GLN D 86 -12.76 4.91 -10.86
CA GLN D 86 -11.29 4.93 -10.86
C GLN D 86 -10.74 4.47 -12.21
N LYS D 87 -11.27 3.37 -12.75
CA LYS D 87 -10.81 2.88 -14.05
C LYS D 87 -11.01 3.98 -15.06
N LEU D 88 -12.16 4.64 -14.97
CA LEU D 88 -12.52 5.73 -15.87
C LEU D 88 -11.52 6.88 -15.76
N ALA D 89 -11.16 7.25 -14.53
CA ALA D 89 -10.20 8.35 -14.35
C ALA D 89 -8.83 7.97 -14.96
N LEU D 90 -8.38 6.76 -14.71
CA LEU D 90 -7.10 6.29 -15.24
C LEU D 90 -7.14 6.26 -16.76
N ALA D 91 -8.28 5.84 -17.30
CA ALA D 91 -8.44 5.76 -18.75
C ALA D 91 -8.24 7.17 -19.33
N GLU D 92 -8.72 8.16 -18.59
CA GLU D 92 -8.60 9.55 -19.03
C GLU D 92 -7.12 9.97 -18.99
N ARG D 93 -6.36 9.38 -18.07
CA ARG D 93 -4.94 9.69 -17.94
C ARG D 93 -4.14 9.03 -19.06
N ILE D 94 -4.74 8.02 -19.68
CA ILE D 94 -4.10 7.28 -20.77
C ILE D 94 -4.34 7.91 -22.15
N ARG D 95 -5.53 8.49 -22.31
CA ARG D 95 -5.94 9.12 -23.56
C ARG D 95 -4.87 10.03 -24.18
N GLY D 96 -4.55 9.78 -25.45
CA GLY D 96 -3.55 10.58 -26.14
C GLY D 96 -2.14 10.05 -26.05
N HIS D 97 -1.94 9.05 -25.19
CA HIS D 97 -0.62 8.44 -25.01
C HIS D 97 -0.66 6.93 -25.24
N VAL D 98 -1.74 6.44 -25.84
CA VAL D 98 -1.88 4.99 -26.07
C VAL D 98 -0.73 4.37 -26.85
N LEU D 99 -0.29 5.04 -27.91
CA LEU D 99 0.81 4.53 -28.73
C LEU D 99 2.07 4.45 -27.90
N SER D 100 2.49 5.61 -27.40
CA SER D 100 3.69 5.69 -26.57
C SER D 100 3.70 4.60 -25.51
N LEU D 101 2.56 4.37 -24.89
CA LEU D 101 2.45 3.36 -23.85
C LEU D 101 2.51 1.93 -24.37
N ALA D 102 1.82 1.68 -25.47
CA ALA D 102 1.79 0.36 -26.08
C ALA D 102 3.22 -0.09 -26.41
N LEU D 103 4.02 0.86 -26.88
CA LEU D 103 5.41 0.64 -27.26
C LEU D 103 6.40 0.81 -26.10
N GLN D 104 5.90 0.77 -24.86
CA GLN D 104 6.77 0.94 -23.70
C GLN D 104 6.84 -0.41 -22.98
N MET D 105 8.03 -0.77 -22.49
CA MET D 105 8.21 -2.05 -21.81
C MET D 105 7.16 -2.31 -20.74
N TYR D 106 7.01 -1.39 -19.81
CA TYR D 106 6.04 -1.58 -18.74
C TYR D 106 4.67 -1.00 -19.10
N GLY D 107 4.68 0.16 -19.76
CA GLY D 107 3.43 0.78 -20.15
C GLY D 107 2.47 -0.16 -20.88
N CYS D 108 2.96 -0.87 -21.89
CA CYS D 108 2.14 -1.79 -22.67
C CYS D 108 1.44 -2.80 -21.77
N ARG D 109 2.07 -3.10 -20.64
CA ARG D 109 1.49 -4.04 -19.69
C ARG D 109 0.24 -3.45 -19.04
N VAL D 110 0.18 -2.11 -18.97
CA VAL D 110 -0.96 -1.44 -18.37
C VAL D 110 -2.07 -1.29 -19.40
N ILE D 111 -1.69 -0.91 -20.62
CA ILE D 111 -2.68 -0.77 -21.67
C ILE D 111 -3.45 -2.09 -21.81
N GLN D 112 -2.71 -3.20 -21.78
CA GLN D 112 -3.34 -4.52 -21.92
C GLN D 112 -4.35 -4.79 -20.83
N LYS D 113 -4.01 -4.45 -19.60
CA LYS D 113 -4.94 -4.67 -18.48
C LYS D 113 -6.15 -3.77 -18.64
N ALA D 114 -5.92 -2.51 -19.01
CA ALA D 114 -7.01 -1.56 -19.20
C ALA D 114 -8.04 -2.14 -20.15
N LEU D 115 -7.58 -2.52 -21.34
CA LEU D 115 -8.45 -3.10 -22.37
C LEU D 115 -9.30 -4.24 -21.84
N GLU D 116 -8.71 -5.06 -20.98
CA GLU D 116 -9.42 -6.20 -20.41
C GLU D 116 -10.52 -5.84 -19.39
N PHE D 117 -10.39 -4.72 -18.69
CA PHE D 117 -11.39 -4.37 -17.69
C PHE D 117 -12.19 -3.09 -17.85
N ILE D 118 -12.04 -2.38 -18.96
CA ILE D 118 -12.82 -1.17 -19.17
C ILE D 118 -13.92 -1.41 -20.19
N PRO D 119 -15.03 -0.67 -20.08
CA PRO D 119 -16.17 -0.81 -21.00
C PRO D 119 -15.78 -0.78 -22.45
N SER D 120 -16.68 -1.23 -23.32
CA SER D 120 -16.44 -1.28 -24.76
C SER D 120 -16.15 0.10 -25.36
N ASP D 121 -16.96 1.10 -25.00
CA ASP D 121 -16.78 2.45 -25.54
C ASP D 121 -15.39 2.99 -25.15
N GLN D 122 -14.94 2.65 -23.95
CA GLN D 122 -13.63 3.07 -23.47
C GLN D 122 -12.55 2.31 -24.26
N GLN D 123 -12.82 1.02 -24.54
CA GLN D 123 -11.88 0.22 -25.31
C GLN D 123 -11.75 0.75 -26.74
N ASN D 124 -12.89 1.07 -27.35
CA ASN D 124 -12.88 1.59 -28.72
C ASN D 124 -12.12 2.89 -28.81
N GLU D 125 -12.19 3.69 -27.75
CA GLU D 125 -11.51 4.97 -27.71
C GLU D 125 -10.00 4.76 -27.78
N MET D 126 -9.51 3.80 -27.02
CA MET D 126 -8.08 3.50 -26.97
C MET D 126 -7.49 2.97 -28.27
N VAL D 127 -8.09 1.94 -28.85
CA VAL D 127 -7.57 1.36 -30.08
C VAL D 127 -7.58 2.36 -31.23
N ARG D 128 -8.58 3.22 -31.26
CA ARG D 128 -8.68 4.21 -32.32
C ARG D 128 -7.36 4.96 -32.47
N GLU D 129 -6.64 5.14 -31.37
CA GLU D 129 -5.35 5.84 -31.42
C GLU D 129 -4.30 5.06 -32.18
N LEU D 130 -4.41 3.73 -32.13
CA LEU D 130 -3.46 2.85 -32.81
C LEU D 130 -3.54 2.94 -34.32
N ASP D 131 -4.66 3.44 -34.84
CA ASP D 131 -4.83 3.57 -36.27
C ASP D 131 -3.59 4.25 -36.86
N GLY D 132 -3.20 3.84 -38.06
CA GLY D 132 -2.02 4.43 -38.68
C GLY D 132 -0.70 3.98 -38.08
N HIS D 133 -0.75 3.17 -37.03
CA HIS D 133 0.46 2.67 -36.38
C HIS D 133 0.40 1.16 -36.22
N VAL D 134 -0.57 0.54 -36.88
CA VAL D 134 -0.79 -0.89 -36.80
C VAL D 134 0.46 -1.75 -36.95
N LEU D 135 1.11 -1.66 -38.11
CA LEU D 135 2.30 -2.48 -38.35
C LEU D 135 3.41 -2.24 -37.36
N LYS D 136 3.68 -0.99 -37.02
CA LYS D 136 4.76 -0.72 -36.07
C LYS D 136 4.55 -1.49 -34.77
N CYS D 137 3.33 -1.44 -34.24
CA CYS D 137 3.02 -2.14 -33.00
C CYS D 137 3.09 -3.64 -33.20
N VAL D 138 2.50 -4.13 -34.28
CA VAL D 138 2.52 -5.56 -34.59
C VAL D 138 3.95 -6.06 -34.63
N LYS D 139 4.79 -5.37 -35.39
CA LYS D 139 6.19 -5.73 -35.54
C LYS D 139 7.05 -5.16 -34.41
N ASP D 140 6.45 -4.94 -33.25
CA ASP D 140 7.17 -4.38 -32.11
C ASP D 140 7.15 -5.31 -30.90
N GLN D 141 8.26 -5.36 -30.18
CA GLN D 141 8.42 -6.22 -29.01
C GLN D 141 7.37 -6.05 -27.93
N ASN D 142 6.98 -4.81 -27.67
CA ASN D 142 5.98 -4.54 -26.65
C ASN D 142 4.60 -4.39 -27.28
N GLY D 143 4.51 -3.53 -28.29
CA GLY D 143 3.25 -3.28 -28.96
C GLY D 143 2.52 -4.48 -29.54
N ASN D 144 3.24 -5.50 -30.01
CA ASN D 144 2.57 -6.66 -30.61
C ASN D 144 1.65 -7.36 -29.62
N HIS D 145 2.00 -7.29 -28.33
CA HIS D 145 1.17 -7.90 -27.30
C HIS D 145 -0.08 -7.05 -27.07
N VAL D 146 0.03 -5.77 -27.43
CA VAL D 146 -1.10 -4.85 -27.29
C VAL D 146 -2.07 -5.16 -28.41
N VAL D 147 -1.55 -5.32 -29.62
CA VAL D 147 -2.38 -5.64 -30.78
C VAL D 147 -3.09 -6.95 -30.53
N GLN D 148 -2.39 -7.88 -29.90
CA GLN D 148 -2.98 -9.19 -29.60
C GLN D 148 -4.09 -9.07 -28.59
N LYS D 149 -3.90 -8.23 -27.57
CA LYS D 149 -4.92 -8.05 -26.54
C LYS D 149 -6.18 -7.44 -27.18
N CYS D 150 -6.00 -6.42 -28.01
CA CYS D 150 -7.14 -5.81 -28.66
C CYS D 150 -7.95 -6.89 -29.36
N ILE D 151 -7.28 -7.59 -30.27
CA ILE D 151 -7.90 -8.65 -31.04
C ILE D 151 -8.72 -9.62 -30.21
N GLU D 152 -8.32 -9.86 -28.97
CA GLU D 152 -9.06 -10.79 -28.12
C GLU D 152 -9.99 -10.13 -27.11
N CYS D 153 -10.02 -8.79 -27.06
CA CYS D 153 -10.87 -8.05 -26.12
C CYS D 153 -11.84 -7.04 -26.74
N VAL D 154 -11.36 -6.25 -27.69
CA VAL D 154 -12.20 -5.25 -28.35
C VAL D 154 -13.25 -5.91 -29.22
N GLN D 155 -14.28 -5.14 -29.59
CA GLN D 155 -15.34 -5.66 -30.44
C GLN D 155 -14.72 -5.83 -31.82
N PRO D 156 -14.81 -7.03 -32.41
CA PRO D 156 -14.23 -7.29 -33.73
C PRO D 156 -14.57 -6.25 -34.80
N GLN D 157 -15.68 -5.55 -34.64
CA GLN D 157 -16.10 -4.55 -35.61
C GLN D 157 -15.04 -3.44 -35.79
N SER D 158 -14.60 -2.86 -34.67
CA SER D 158 -13.63 -1.77 -34.70
C SER D 158 -12.19 -2.16 -34.96
N LEU D 159 -11.94 -3.44 -35.23
CA LEU D 159 -10.58 -3.90 -35.51
C LEU D 159 -10.37 -3.97 -37.02
N GLN D 160 -11.36 -3.49 -37.76
CA GLN D 160 -11.31 -3.50 -39.21
C GLN D 160 -10.10 -2.77 -39.77
N PHE D 161 -9.56 -1.81 -39.03
CA PHE D 161 -8.41 -1.08 -39.53
C PHE D 161 -7.13 -1.91 -39.41
N ILE D 162 -7.16 -2.89 -38.50
CA ILE D 162 -6.00 -3.77 -38.32
C ILE D 162 -5.93 -4.69 -39.55
N ILE D 163 -7.08 -5.18 -40.00
CA ILE D 163 -7.16 -6.04 -41.17
C ILE D 163 -6.67 -5.26 -42.40
N ASP D 164 -7.34 -4.14 -42.68
CA ASP D 164 -6.98 -3.29 -43.82
C ASP D 164 -5.49 -2.92 -43.80
N ALA D 165 -4.92 -2.84 -42.60
CA ALA D 165 -3.52 -2.49 -42.47
C ALA D 165 -2.64 -3.69 -42.77
N PHE D 166 -3.23 -4.88 -42.76
CA PHE D 166 -2.49 -6.10 -43.02
C PHE D 166 -2.38 -6.44 -44.50
N LYS D 167 -3.15 -5.75 -45.32
CA LYS D 167 -3.14 -5.96 -46.78
C LYS D 167 -1.72 -6.12 -47.32
N GLY D 168 -1.52 -7.15 -48.14
CA GLY D 168 -0.22 -7.41 -48.72
C GLY D 168 0.91 -7.68 -47.74
N GLN D 169 0.59 -7.83 -46.46
CA GLN D 169 1.61 -8.09 -45.45
C GLN D 169 1.44 -9.44 -44.76
N VAL D 170 0.30 -10.08 -45.00
CA VAL D 170 -0.03 -11.36 -44.39
C VAL D 170 1.12 -12.36 -44.46
N PHE D 171 1.83 -12.38 -45.59
CA PHE D 171 2.95 -13.30 -45.72
C PHE D 171 4.10 -12.88 -44.80
N ALA D 172 4.51 -11.62 -44.93
CA ALA D 172 5.60 -11.06 -44.14
C ALA D 172 5.36 -11.21 -42.65
N LEU D 173 4.12 -10.98 -42.24
CA LEU D 173 3.76 -11.07 -40.83
C LEU D 173 3.65 -12.51 -40.35
N SER D 174 3.34 -13.42 -41.26
CA SER D 174 3.21 -14.84 -40.90
C SER D 174 4.55 -15.51 -40.67
N THR D 175 5.62 -14.92 -41.21
CA THR D 175 6.96 -15.48 -41.03
C THR D 175 7.68 -14.69 -39.95
N HIS D 176 6.96 -13.70 -39.40
CA HIS D 176 7.48 -12.84 -38.36
C HIS D 176 7.18 -13.51 -37.01
N PRO D 177 8.11 -13.38 -36.04
CA PRO D 177 7.92 -13.99 -34.72
C PRO D 177 6.77 -13.40 -33.89
N TYR D 178 6.44 -12.14 -34.14
CA TYR D 178 5.36 -11.46 -33.42
C TYR D 178 4.10 -11.51 -34.26
N GLY D 179 4.22 -11.03 -35.49
CA GLY D 179 3.11 -10.99 -36.42
C GLY D 179 2.34 -12.29 -36.54
N CYS D 180 3.06 -13.40 -36.66
CA CYS D 180 2.41 -14.70 -36.81
C CYS D 180 1.48 -14.97 -35.65
N ARG D 181 1.71 -14.32 -34.50
CA ARG D 181 0.83 -14.54 -33.37
C ARG D 181 -0.39 -13.64 -33.57
N VAL D 182 -0.16 -12.46 -34.16
CA VAL D 182 -1.24 -11.52 -34.39
C VAL D 182 -2.19 -12.08 -35.44
N ILE D 183 -1.62 -12.71 -36.47
CA ILE D 183 -2.44 -13.31 -37.53
C ILE D 183 -3.30 -14.44 -36.96
N GLN D 184 -2.75 -15.19 -36.00
CA GLN D 184 -3.51 -16.26 -35.38
C GLN D 184 -4.65 -15.74 -34.50
N ARG D 185 -4.44 -14.61 -33.82
CA ARG D 185 -5.49 -14.06 -32.99
C ARG D 185 -6.62 -13.58 -33.92
N ILE D 186 -6.24 -12.95 -35.03
CA ILE D 186 -7.19 -12.45 -36.01
C ILE D 186 -8.06 -13.59 -36.54
N LEU D 187 -7.47 -14.77 -36.68
CA LEU D 187 -8.21 -15.92 -37.20
C LEU D 187 -9.20 -16.48 -36.18
N GLU D 188 -8.87 -16.33 -34.89
CA GLU D 188 -9.74 -16.83 -33.82
C GLU D 188 -10.80 -15.82 -33.39
N HIS D 189 -10.53 -14.54 -33.58
CA HIS D 189 -11.48 -13.52 -33.11
C HIS D 189 -12.21 -12.67 -34.14
N CYS D 190 -11.61 -12.45 -35.30
CA CYS D 190 -12.26 -11.63 -36.32
C CYS D 190 -13.40 -12.32 -37.06
N LEU D 191 -14.33 -11.51 -37.59
CA LEU D 191 -15.47 -12.02 -38.34
C LEU D 191 -15.03 -12.57 -39.69
N PRO D 192 -15.82 -13.49 -40.25
CA PRO D 192 -15.53 -14.12 -41.54
C PRO D 192 -15.22 -13.11 -42.65
N ASP D 193 -15.89 -11.96 -42.62
CA ASP D 193 -15.65 -10.95 -43.65
C ASP D 193 -14.28 -10.30 -43.46
N GLN D 194 -13.75 -10.41 -42.26
CA GLN D 194 -12.44 -9.83 -41.93
C GLN D 194 -11.32 -10.83 -42.18
N THR D 195 -11.52 -12.07 -41.77
CA THR D 195 -10.52 -13.11 -41.96
C THR D 195 -10.40 -13.49 -43.43
N LEU D 196 -11.48 -13.33 -44.18
CA LEU D 196 -11.51 -13.67 -45.59
C LEU D 196 -10.29 -13.19 -46.38
N PRO D 197 -10.03 -11.87 -46.41
CA PRO D 197 -8.86 -11.39 -47.16
C PRO D 197 -7.53 -11.91 -46.59
N ILE D 198 -7.51 -12.20 -45.30
CA ILE D 198 -6.30 -12.70 -44.66
C ILE D 198 -6.01 -14.10 -45.20
N LEU D 199 -7.01 -14.96 -45.17
CA LEU D 199 -6.86 -16.34 -45.65
C LEU D 199 -6.61 -16.36 -47.17
N GLU D 200 -7.35 -15.53 -47.90
CA GLU D 200 -7.20 -15.46 -49.35
C GLU D 200 -5.76 -15.10 -49.71
N GLU D 201 -4.98 -14.72 -48.71
CA GLU D 201 -3.59 -14.34 -48.91
C GLU D 201 -2.63 -15.38 -48.36
N LEU D 202 -3.06 -16.12 -47.35
CA LEU D 202 -2.23 -17.16 -46.76
C LEU D 202 -2.04 -18.30 -47.76
N HIS D 203 -3.04 -18.55 -48.58
CA HIS D 203 -2.97 -19.62 -49.56
C HIS D 203 -1.98 -19.26 -50.67
N GLN D 204 -1.87 -17.97 -50.95
CA GLN D 204 -0.97 -17.50 -51.98
C GLN D 204 0.49 -17.75 -51.62
N HIS D 205 0.75 -18.34 -50.47
CA HIS D 205 2.12 -18.61 -50.04
C HIS D 205 2.29 -19.85 -49.19
N THR D 206 1.27 -20.71 -49.17
CA THR D 206 1.31 -21.93 -48.38
C THR D 206 2.66 -22.62 -48.39
N GLU D 207 3.17 -22.92 -49.60
CA GLU D 207 4.43 -23.63 -49.74
C GLU D 207 5.55 -23.16 -48.82
N GLN D 208 5.82 -21.86 -48.80
CA GLN D 208 6.88 -21.33 -47.94
C GLN D 208 6.43 -21.32 -46.48
N LEU D 209 5.17 -20.96 -46.26
CA LEU D 209 4.62 -20.90 -44.91
C LEU D 209 4.76 -22.19 -44.11
N VAL D 210 4.53 -23.33 -44.76
CA VAL D 210 4.60 -24.60 -44.05
C VAL D 210 6.00 -24.99 -43.61
N GLN D 211 7.01 -24.41 -44.25
CA GLN D 211 8.40 -24.71 -43.92
C GLN D 211 9.04 -23.64 -43.04
N ASP D 212 8.40 -22.48 -42.94
CA ASP D 212 8.93 -21.40 -42.12
C ASP D 212 8.75 -21.75 -40.65
N GLN D 213 9.68 -21.28 -39.84
CA GLN D 213 9.68 -21.52 -38.40
C GLN D 213 8.47 -20.92 -37.70
N TYR D 214 7.92 -19.84 -38.25
CA TYR D 214 6.75 -19.21 -37.63
C TYR D 214 5.52 -19.45 -38.46
N GLY D 215 5.71 -19.48 -39.78
CA GLY D 215 4.60 -19.72 -40.68
C GLY D 215 3.94 -21.06 -40.49
N ASN D 216 4.70 -22.07 -40.04
CA ASN D 216 4.11 -23.39 -39.84
C ASN D 216 2.99 -23.36 -38.83
N TYR D 217 3.11 -22.48 -37.84
CA TYR D 217 2.08 -22.34 -36.81
C TYR D 217 0.81 -21.73 -37.39
N VAL D 218 0.94 -20.68 -38.19
CA VAL D 218 -0.22 -20.02 -38.77
C VAL D 218 -0.99 -21.01 -39.64
N ILE D 219 -0.27 -21.76 -40.48
CA ILE D 219 -0.89 -22.74 -41.36
C ILE D 219 -1.58 -23.82 -40.51
N GLN D 220 -0.89 -24.30 -39.48
CA GLN D 220 -1.47 -25.32 -38.60
C GLN D 220 -2.76 -24.80 -38.00
N HIS D 221 -2.74 -23.54 -37.60
CA HIS D 221 -3.89 -22.92 -36.99
C HIS D 221 -5.15 -23.14 -37.83
N VAL D 222 -5.03 -22.86 -39.13
CA VAL D 222 -6.13 -23.02 -40.07
C VAL D 222 -6.61 -24.47 -40.18
N LEU D 223 -5.69 -25.41 -40.09
CA LEU D 223 -6.06 -26.80 -40.18
C LEU D 223 -6.88 -27.24 -38.98
N GLU D 224 -6.61 -26.64 -37.82
CA GLU D 224 -7.31 -27.00 -36.59
C GLU D 224 -8.56 -26.18 -36.27
N HIS D 225 -8.69 -24.99 -36.86
CA HIS D 225 -9.84 -24.14 -36.58
C HIS D 225 -10.45 -23.48 -37.82
N GLY D 226 -9.70 -23.44 -38.90
CA GLY D 226 -10.17 -22.80 -40.12
C GLY D 226 -11.37 -23.39 -40.86
N ARG D 227 -11.55 -22.91 -42.09
CA ARG D 227 -12.63 -23.31 -42.98
C ARG D 227 -12.18 -24.46 -43.91
N PRO D 228 -13.01 -25.51 -44.03
CA PRO D 228 -12.72 -26.69 -44.88
C PRO D 228 -12.10 -26.37 -46.24
N GLU D 229 -12.69 -25.42 -46.96
CA GLU D 229 -12.20 -25.03 -48.27
C GLU D 229 -10.77 -24.48 -48.19
N ASP D 230 -10.43 -23.91 -47.04
CA ASP D 230 -9.08 -23.37 -46.81
C ASP D 230 -8.13 -24.51 -46.50
N LYS D 231 -8.58 -25.44 -45.68
CA LYS D 231 -7.78 -26.60 -45.31
C LYS D 231 -7.39 -27.35 -46.58
N SER D 232 -8.37 -27.69 -47.40
CA SER D 232 -8.14 -28.41 -48.65
C SER D 232 -7.08 -27.75 -49.52
N LYS D 233 -6.99 -26.42 -49.47
CA LYS D 233 -5.98 -25.74 -50.28
C LYS D 233 -4.61 -26.04 -49.67
N ILE D 234 -4.57 -26.15 -48.35
CA ILE D 234 -3.32 -26.46 -47.65
C ILE D 234 -2.95 -27.91 -47.91
N VAL D 235 -3.93 -28.80 -47.80
CA VAL D 235 -3.69 -30.21 -48.04
C VAL D 235 -3.20 -30.45 -49.48
N ALA D 236 -3.81 -29.76 -50.44
CA ALA D 236 -3.41 -29.93 -51.84
C ALA D 236 -1.91 -29.70 -51.99
N GLU D 237 -1.42 -28.66 -51.31
CA GLU D 237 0.00 -28.31 -51.35
C GLU D 237 0.88 -29.41 -50.75
N ILE D 238 0.35 -30.07 -49.72
CA ILE D 238 1.05 -31.17 -49.04
C ILE D 238 1.10 -32.39 -49.95
N ARG D 239 -0.02 -32.68 -50.62
CA ARG D 239 -0.11 -33.81 -51.56
C ARG D 239 1.13 -33.83 -52.45
N GLY D 240 1.80 -34.98 -52.53
CA GLY D 240 2.98 -35.08 -53.37
C GLY D 240 4.30 -34.79 -52.67
N ASN D 241 4.23 -34.16 -51.50
CA ASN D 241 5.44 -33.83 -50.75
C ASN D 241 5.38 -34.40 -49.34
N VAL D 242 4.43 -35.28 -49.07
CA VAL D 242 4.32 -35.82 -47.72
C VAL D 242 5.65 -36.35 -47.18
N LEU D 243 6.25 -37.32 -47.86
CA LEU D 243 7.52 -37.89 -47.40
C LEU D 243 8.55 -36.81 -47.10
N VAL D 244 8.76 -35.91 -48.05
CA VAL D 244 9.74 -34.84 -47.86
C VAL D 244 9.38 -33.93 -46.72
N LEU D 245 8.14 -33.44 -46.71
CA LEU D 245 7.71 -32.56 -45.64
C LEU D 245 7.69 -33.27 -44.29
N SER D 246 7.30 -34.54 -44.29
CA SER D 246 7.27 -35.33 -43.04
C SER D 246 8.63 -35.36 -42.34
N GLN D 247 9.70 -35.28 -43.12
CA GLN D 247 11.03 -35.34 -42.53
C GLN D 247 11.52 -33.95 -42.15
N HIS D 248 10.65 -32.97 -42.35
CA HIS D 248 11.00 -31.58 -42.07
C HIS D 248 10.62 -31.16 -40.65
N LYS D 249 11.57 -30.57 -39.93
CA LYS D 249 11.36 -30.11 -38.55
C LYS D 249 10.05 -29.33 -38.39
N PHE D 250 9.88 -28.30 -39.20
CA PHE D 250 8.71 -27.46 -39.11
C PHE D 250 7.48 -27.99 -39.85
N ALA D 251 7.65 -28.33 -41.12
CA ALA D 251 6.54 -28.82 -41.93
C ALA D 251 5.92 -30.13 -41.46
N SER D 252 6.65 -30.94 -40.71
CA SER D 252 6.09 -32.21 -40.27
C SER D 252 4.86 -32.02 -39.38
N ASN D 253 4.85 -30.95 -38.58
CA ASN D 253 3.72 -30.66 -37.70
C ASN D 253 2.48 -30.36 -38.55
N VAL D 254 2.71 -29.67 -39.67
CA VAL D 254 1.63 -29.36 -40.59
C VAL D 254 1.12 -30.63 -41.26
N VAL D 255 2.04 -31.52 -41.63
CA VAL D 255 1.61 -32.76 -42.26
C VAL D 255 0.68 -33.52 -41.32
N GLU D 256 1.02 -33.57 -40.03
CA GLU D 256 0.19 -34.25 -39.02
C GLU D 256 -1.21 -33.66 -39.02
N LYS D 257 -1.28 -32.34 -38.88
CA LYS D 257 -2.57 -31.66 -38.85
C LYS D 257 -3.32 -31.92 -40.16
N CYS D 258 -2.61 -32.06 -41.27
CA CYS D 258 -3.28 -32.34 -42.54
C CYS D 258 -3.87 -33.75 -42.46
N VAL D 259 -3.13 -34.67 -41.85
CA VAL D 259 -3.59 -36.05 -41.75
C VAL D 259 -4.80 -36.16 -40.84
N THR D 260 -4.77 -35.41 -39.75
CA THR D 260 -5.87 -35.45 -38.80
C THR D 260 -7.09 -34.63 -39.21
N HIS D 261 -6.89 -33.44 -39.77
CA HIS D 261 -8.03 -32.60 -40.12
C HIS D 261 -8.44 -32.54 -41.58
N ALA D 262 -8.10 -33.55 -42.36
CA ALA D 262 -8.47 -33.55 -43.77
C ALA D 262 -9.74 -34.36 -43.99
N SER D 263 -10.36 -34.16 -45.15
CA SER D 263 -11.59 -34.88 -45.49
C SER D 263 -11.29 -36.38 -45.55
N ARG D 264 -12.34 -37.19 -45.67
CA ARG D 264 -12.19 -38.63 -45.74
C ARG D 264 -11.33 -39.03 -46.96
N THR D 265 -11.61 -38.41 -48.09
CA THR D 265 -10.89 -38.69 -49.33
C THR D 265 -9.43 -38.27 -49.25
N GLU D 266 -9.19 -37.04 -48.80
CA GLU D 266 -7.85 -36.50 -48.67
C GLU D 266 -6.97 -37.33 -47.73
N ARG D 267 -7.57 -37.81 -46.64
CA ARG D 267 -6.90 -38.63 -45.64
C ARG D 267 -6.37 -39.86 -46.34
N ALA D 268 -7.28 -40.58 -46.98
CA ALA D 268 -6.95 -41.80 -47.71
C ALA D 268 -5.86 -41.55 -48.73
N VAL D 269 -5.96 -40.46 -49.45
CA VAL D 269 -4.98 -40.15 -50.46
C VAL D 269 -3.58 -39.83 -49.90
N LEU D 270 -3.53 -39.18 -48.74
CA LEU D 270 -2.26 -38.84 -48.13
C LEU D 270 -1.57 -40.09 -47.54
N ILE D 271 -2.36 -40.99 -46.96
CA ILE D 271 -1.80 -42.19 -46.39
C ILE D 271 -1.43 -43.14 -47.52
N ASP D 272 -2.17 -43.06 -48.63
CA ASP D 272 -1.88 -43.90 -49.78
C ASP D 272 -0.65 -43.40 -50.50
N GLU D 273 -0.46 -42.09 -50.52
CA GLU D 273 0.70 -41.52 -51.19
C GLU D 273 2.00 -42.10 -50.66
N VAL D 274 2.05 -42.39 -49.37
CA VAL D 274 3.27 -42.91 -48.78
C VAL D 274 3.34 -44.44 -48.67
N CYS D 275 2.21 -45.11 -48.86
CA CYS D 275 2.19 -46.57 -48.81
C CYS D 275 2.59 -47.17 -50.16
N THR D 276 2.23 -46.51 -51.25
CA THR D 276 2.54 -47.00 -52.59
C THR D 276 3.84 -46.40 -53.10
N MET D 277 4.12 -45.18 -52.68
CA MET D 277 5.34 -44.51 -53.10
C MET D 277 6.57 -45.16 -52.46
N ASN D 278 7.57 -45.48 -53.26
CA ASN D 278 8.78 -46.06 -52.71
C ASN D 278 9.84 -44.98 -52.77
N ASP D 279 10.77 -45.02 -51.83
CA ASP D 279 11.84 -44.03 -51.77
C ASP D 279 13.18 -44.74 -51.84
N GLY D 280 13.67 -44.94 -53.06
CA GLY D 280 14.93 -45.63 -53.22
C GLY D 280 14.70 -47.11 -53.02
N PRO D 281 15.65 -47.82 -52.40
CA PRO D 281 15.54 -49.27 -52.15
C PRO D 281 14.48 -49.68 -51.15
N HIS D 282 13.77 -48.71 -50.57
CA HIS D 282 12.74 -49.02 -49.59
C HIS D 282 11.41 -48.32 -49.89
N SER D 283 10.40 -48.62 -49.08
CA SER D 283 9.09 -48.00 -49.22
C SER D 283 9.21 -46.61 -48.61
N ALA D 284 8.32 -45.70 -49.01
CA ALA D 284 8.35 -44.36 -48.46
C ALA D 284 8.05 -44.39 -46.97
N LEU D 285 7.28 -45.39 -46.55
CA LEU D 285 6.91 -45.54 -45.15
C LEU D 285 8.07 -46.05 -44.30
N TYR D 286 8.96 -46.85 -44.89
CA TYR D 286 10.11 -47.37 -44.18
C TYR D 286 10.98 -46.21 -43.68
N THR D 287 11.25 -45.27 -44.58
CA THR D 287 12.05 -44.09 -44.27
C THR D 287 11.41 -43.28 -43.14
N MET D 288 10.12 -43.00 -43.29
CA MET D 288 9.37 -42.21 -42.31
C MET D 288 9.38 -42.78 -40.89
N MET D 289 9.20 -44.08 -40.75
CA MET D 289 9.18 -44.68 -39.42
C MET D 289 10.50 -44.59 -38.66
N LYS D 290 11.60 -44.33 -39.37
CA LYS D 290 12.88 -44.22 -38.69
C LYS D 290 13.44 -42.80 -38.75
N ASP D 291 12.54 -41.84 -38.95
CA ASP D 291 12.91 -40.42 -39.01
C ASP D 291 12.54 -39.71 -37.73
N GLN D 292 13.39 -38.78 -37.31
CA GLN D 292 13.13 -38.03 -36.08
C GLN D 292 11.81 -37.25 -36.09
N TYR D 293 11.30 -36.92 -37.27
CA TYR D 293 10.06 -36.16 -37.35
C TYR D 293 8.94 -36.94 -38.01
N ALA D 294 9.26 -37.62 -39.12
CA ALA D 294 8.27 -38.38 -39.87
C ALA D 294 7.52 -39.41 -39.01
N ASN D 295 8.25 -40.06 -38.10
CA ASN D 295 7.64 -41.08 -37.25
C ASN D 295 6.35 -40.59 -36.62
N TYR D 296 6.28 -39.30 -36.27
CA TYR D 296 5.07 -38.75 -35.68
C TYR D 296 3.96 -38.69 -36.72
N VAL D 297 4.33 -38.41 -37.97
CA VAL D 297 3.36 -38.35 -39.04
C VAL D 297 2.78 -39.75 -39.22
N VAL D 298 3.66 -40.74 -39.24
CA VAL D 298 3.23 -42.13 -39.41
C VAL D 298 2.25 -42.48 -38.29
N GLN D 299 2.56 -42.05 -37.08
CA GLN D 299 1.70 -42.36 -35.94
C GLN D 299 0.30 -41.81 -36.13
N LYS D 300 0.21 -40.58 -36.64
CA LYS D 300 -1.07 -39.94 -36.88
C LYS D 300 -1.84 -40.65 -37.98
N MET D 301 -1.13 -41.20 -38.95
CA MET D 301 -1.77 -41.89 -40.06
C MET D 301 -2.41 -43.19 -39.60
N ILE D 302 -1.78 -43.82 -38.61
CA ILE D 302 -2.32 -45.06 -38.08
C ILE D 302 -3.60 -44.72 -37.34
N ASP D 303 -3.59 -43.60 -36.61
CA ASP D 303 -4.76 -43.16 -35.86
C ASP D 303 -5.99 -42.93 -36.73
N VAL D 304 -5.91 -41.99 -37.65
CA VAL D 304 -7.07 -41.67 -38.49
C VAL D 304 -7.39 -42.63 -39.62
N ALA D 305 -6.45 -43.51 -39.98
CA ALA D 305 -6.69 -44.44 -41.07
C ALA D 305 -7.86 -45.36 -40.75
N GLU D 306 -8.74 -45.56 -41.73
CA GLU D 306 -9.88 -46.44 -41.56
C GLU D 306 -9.33 -47.87 -41.52
N PRO D 307 -10.09 -48.80 -40.93
CA PRO D 307 -9.64 -50.20 -40.84
C PRO D 307 -9.03 -50.76 -42.12
N GLY D 308 -9.69 -50.54 -43.25
CA GLY D 308 -9.17 -51.03 -44.52
C GLY D 308 -7.77 -50.50 -44.84
N GLN D 309 -7.61 -49.18 -44.73
CA GLN D 309 -6.33 -48.56 -45.03
C GLN D 309 -5.31 -48.84 -43.92
N ARG D 310 -5.79 -48.83 -42.69
CA ARG D 310 -4.94 -49.08 -41.53
C ARG D 310 -4.22 -50.44 -41.62
N LYS D 311 -4.86 -51.39 -42.30
CA LYS D 311 -4.28 -52.72 -42.45
C LYS D 311 -3.14 -52.75 -43.45
N ILE D 312 -3.24 -51.95 -44.50
CA ILE D 312 -2.18 -51.91 -45.50
C ILE D 312 -0.95 -51.24 -44.89
N VAL D 313 -1.20 -50.21 -44.08
CA VAL D 313 -0.14 -49.49 -43.40
C VAL D 313 0.65 -50.45 -42.52
N MET D 314 -0.05 -51.21 -41.67
CA MET D 314 0.61 -52.17 -40.81
C MET D 314 1.37 -53.17 -41.68
N HIS D 315 0.67 -53.73 -42.66
CA HIS D 315 1.26 -54.70 -43.59
C HIS D 315 2.61 -54.19 -44.12
N LYS D 316 2.67 -52.92 -44.48
CA LYS D 316 3.89 -52.30 -45.01
C LYS D 316 4.99 -52.15 -43.97
N ILE D 317 4.62 -52.12 -42.70
CA ILE D 317 5.59 -52.00 -41.63
C ILE D 317 6.02 -53.40 -41.18
N ARG D 318 5.15 -54.38 -41.42
CA ARG D 318 5.40 -55.77 -41.05
C ARG D 318 6.80 -56.28 -41.42
N PRO D 319 7.14 -56.30 -42.72
CA PRO D 319 8.45 -56.79 -43.15
C PRO D 319 9.65 -55.97 -42.69
N HIS D 320 9.56 -54.65 -42.83
CA HIS D 320 10.64 -53.75 -42.46
C HIS D 320 10.78 -53.57 -40.94
N ILE D 321 10.26 -54.53 -40.17
CA ILE D 321 10.31 -54.48 -38.71
C ILE D 321 11.73 -54.65 -38.16
N ALA D 322 12.56 -55.38 -38.91
CA ALA D 322 13.93 -55.65 -38.53
C ALA D 322 14.63 -54.44 -37.91
N THR D 323 15.25 -53.62 -38.77
CA THR D 323 15.98 -52.44 -38.33
C THR D 323 15.10 -51.40 -37.63
N LEU D 324 13.81 -51.69 -37.51
CA LEU D 324 12.87 -50.77 -36.89
C LEU D 324 13.15 -50.55 -35.40
N ARG D 325 13.80 -51.52 -34.76
CA ARG D 325 14.09 -51.41 -33.34
C ARG D 325 15.35 -50.61 -33.01
N LYS D 326 16.16 -50.31 -34.02
CA LYS D 326 17.40 -49.57 -33.82
C LYS D 326 17.25 -48.04 -33.78
N TYR D 327 16.07 -47.54 -33.41
CA TYR D 327 15.86 -46.09 -33.38
C TYR D 327 14.91 -45.64 -32.26
N THR D 328 15.38 -44.69 -31.46
CA THR D 328 14.58 -44.16 -30.35
C THR D 328 13.31 -43.52 -30.89
N TYR D 329 13.32 -43.23 -32.18
CA TYR D 329 12.18 -42.62 -32.86
C TYR D 329 11.15 -43.70 -33.17
N GLY D 330 11.60 -44.78 -33.81
CA GLY D 330 10.70 -45.86 -34.14
C GLY D 330 10.32 -46.65 -32.90
N LYS D 331 10.43 -46.01 -31.75
CA LYS D 331 10.09 -46.66 -30.48
C LYS D 331 8.58 -46.69 -30.30
N HIS D 332 7.93 -45.54 -30.49
CA HIS D 332 6.49 -45.48 -30.33
C HIS D 332 5.76 -46.14 -31.49
N ILE D 333 6.43 -46.26 -32.63
CA ILE D 333 5.82 -46.91 -33.78
C ILE D 333 5.89 -48.41 -33.49
N LEU D 334 6.85 -48.78 -32.66
CA LEU D 334 7.04 -50.17 -32.27
C LEU D 334 5.93 -50.53 -31.30
N ALA D 335 5.59 -49.59 -30.42
CA ALA D 335 4.53 -49.80 -29.43
C ALA D 335 3.17 -49.68 -30.11
N LYS D 336 2.94 -48.53 -30.73
CA LYS D 336 1.70 -48.24 -31.45
C LYS D 336 1.31 -49.41 -32.33
N LEU D 337 2.32 -50.12 -32.84
CA LEU D 337 2.12 -51.27 -33.72
C LEU D 337 1.66 -52.50 -32.94
N GLU D 338 2.25 -52.70 -31.77
CA GLU D 338 1.93 -53.84 -30.93
C GLU D 338 0.44 -53.91 -30.57
N LYS D 339 -0.35 -53.02 -31.16
CA LYS D 339 -1.78 -52.99 -30.89
C LYS D 339 -2.41 -54.31 -31.33
N TYR D 340 -1.84 -54.96 -32.34
CA TYR D 340 -2.35 -56.24 -32.79
C TYR D 340 -1.38 -57.11 -33.58
N TYR D 341 -0.17 -57.27 -33.05
CA TYR D 341 0.87 -58.10 -33.66
C TYR D 341 1.58 -58.93 -32.60
#